data_6FE4
#
_entry.id   6FE4
#
_cell.length_a   186.490
_cell.length_b   186.490
_cell.length_c   75.500
_cell.angle_alpha   90.000
_cell.angle_beta   90.000
_cell.angle_gamma   120.000
#
_symmetry.space_group_name_H-M   'P 65'
#
loop_
_entity.id
_entity.type
_entity.pdbx_description
1 polymer 'Shiga-like toxin 2 subunit B'
2 polymer Nb113
3 water water
#
loop_
_entity_poly.entity_id
_entity_poly.type
_entity_poly.pdbx_seq_one_letter_code
_entity_poly.pdbx_strand_id
1 'polypeptide(L)' ADCAKGKIEFSKYNEDDTFTVKVDGKEYWTSRWNLQPLLQSAQLTGMTVTIKSSTCESGSGFAEVQFNNDLE A,B,C,D,E
2 'polypeptide(L)'
;QVQLQESGGGLVQPGGSLRLSCAASGFTFSSYYMSWVRQAPGKGPEWVSGINTGGVGTRYADSVKGRFTISRDNAKNTLY
LQMNSLKPEDTALYYCAIGEGGNRNYWGQGTQVTVSSHH
;
F,G,H,I,J
#
# COMPACT_ATOMS: atom_id res chain seq x y z
N ALA A 1 -20.60 -22.34 -0.25
CA ALA A 1 -20.53 -23.49 0.68
C ALA A 1 -20.10 -23.00 2.10
N ASP A 2 -21.10 -22.55 2.89
CA ASP A 2 -20.91 -21.91 4.18
C ASP A 2 -20.27 -22.81 5.24
N CYS A 3 -19.06 -22.42 5.59
CA CYS A 3 -18.13 -23.04 6.52
C CYS A 3 -18.50 -22.81 7.98
N ALA A 4 -18.74 -21.54 8.35
CA ALA A 4 -19.14 -21.07 9.67
C ALA A 4 -19.92 -19.76 9.51
N LYS A 5 -20.93 -19.57 10.35
CA LYS A 5 -21.76 -18.38 10.40
C LYS A 5 -21.85 -17.99 11.85
N GLY A 6 -21.37 -16.79 12.17
CA GLY A 6 -21.39 -16.31 13.55
C GLY A 6 -20.55 -15.09 13.83
N LYS A 7 -20.56 -14.65 15.11
CA LYS A 7 -19.79 -13.53 15.63
C LYS A 7 -18.30 -14.01 15.80
N ILE A 8 -17.29 -13.13 15.54
CA ILE A 8 -15.88 -13.51 15.69
C ILE A 8 -15.48 -13.58 17.17
N GLU A 9 -15.22 -14.82 17.66
CA GLU A 9 -14.82 -15.10 19.05
C GLU A 9 -13.54 -14.36 19.36
N PHE A 10 -12.55 -14.52 18.47
CA PHE A 10 -11.25 -13.87 18.53
C PHE A 10 -10.59 -13.89 17.16
N SER A 11 -9.61 -13.00 16.97
CA SER A 11 -8.79 -12.92 15.77
C SER A 11 -7.32 -13.01 16.19
N LYS A 12 -6.45 -13.42 15.27
CA LYS A 12 -5.04 -13.56 15.56
C LYS A 12 -4.19 -13.29 14.33
N TYR A 13 -3.24 -12.33 14.44
CA TYR A 13 -2.28 -12.03 13.38
C TYR A 13 -1.16 -13.03 13.56
N ASN A 14 -0.82 -13.77 12.50
CA ASN A 14 0.19 -14.83 12.53
C ASN A 14 1.55 -14.37 12.06
N GLU A 15 2.60 -15.10 12.46
CA GLU A 15 3.97 -14.78 12.09
C GLU A 15 4.19 -14.78 10.57
N ASP A 16 3.35 -15.52 9.83
CA ASP A 16 3.47 -15.64 8.37
C ASP A 16 2.58 -14.62 7.62
N ASP A 17 2.14 -13.58 8.36
CA ASP A 17 1.30 -12.48 7.91
C ASP A 17 -0.09 -12.95 7.46
N THR A 18 -0.53 -14.13 7.96
CA THR A 18 -1.88 -14.62 7.69
C THR A 18 -2.73 -14.14 8.85
N PHE A 19 -4.04 -14.45 8.83
CA PHE A 19 -4.91 -13.98 9.87
C PHE A 19 -5.90 -15.04 10.17
N THR A 20 -5.94 -15.48 11.44
CA THR A 20 -6.87 -16.49 11.93
C THR A 20 -8.04 -15.80 12.63
N VAL A 21 -9.23 -16.39 12.54
CA VAL A 21 -10.47 -15.99 13.21
C VAL A 21 -11.17 -17.26 13.68
N LYS A 22 -11.68 -17.27 14.92
CA LYS A 22 -12.44 -18.40 15.49
C LYS A 22 -13.89 -18.00 15.40
N VAL A 23 -14.63 -18.67 14.50
CA VAL A 23 -16.05 -18.42 14.27
C VAL A 23 -16.77 -19.74 14.48
N ASP A 24 -17.76 -19.74 15.39
CA ASP A 24 -18.55 -20.92 15.70
C ASP A 24 -17.65 -22.11 16.13
N GLY A 25 -16.74 -21.82 17.06
CA GLY A 25 -15.80 -22.78 17.64
C GLY A 25 -14.75 -23.38 16.74
N LYS A 26 -14.74 -22.99 15.44
CA LYS A 26 -13.77 -23.48 14.46
C LYS A 26 -12.87 -22.32 14.03
N GLU A 27 -11.54 -22.57 13.93
CA GLU A 27 -10.56 -21.56 13.50
C GLU A 27 -10.34 -21.59 11.98
N TYR A 28 -10.30 -20.41 11.38
CA TYR A 28 -10.13 -20.25 9.93
C TYR A 28 -9.03 -19.23 9.73
N TRP A 29 -8.18 -19.41 8.70
CA TRP A 29 -7.10 -18.47 8.43
C TRP A 29 -7.14 -17.97 6.99
N THR A 30 -6.61 -16.77 6.74
CA THR A 30 -6.60 -16.23 5.40
C THR A 30 -5.32 -15.49 5.09
N SER A 31 -4.83 -15.65 3.85
CA SER A 31 -3.62 -14.98 3.43
C SER A 31 -3.89 -13.57 2.89
N ARG A 32 -5.17 -13.24 2.69
CA ARG A 32 -5.62 -11.94 2.16
C ARG A 32 -5.34 -10.83 3.16
N TRP A 33 -4.72 -9.74 2.69
CA TRP A 33 -4.36 -8.63 3.55
C TRP A 33 -5.51 -7.71 3.81
N ASN A 34 -6.34 -7.48 2.78
CA ASN A 34 -7.49 -6.58 2.86
C ASN A 34 -8.51 -7.07 3.85
N LEU A 35 -8.52 -8.39 4.12
CA LEU A 35 -9.47 -9.01 5.05
C LEU A 35 -9.14 -8.69 6.49
N GLN A 36 -7.86 -8.43 6.81
CA GLN A 36 -7.39 -8.16 8.16
C GLN A 36 -8.15 -7.00 8.84
N PRO A 37 -8.21 -5.79 8.22
CA PRO A 37 -8.97 -4.70 8.85
C PRO A 37 -10.47 -4.97 8.82
N LEU A 38 -10.98 -5.61 7.75
CA LEU A 38 -12.41 -5.94 7.62
C LEU A 38 -12.85 -6.91 8.71
N LEU A 39 -12.02 -7.92 9.03
CA LEU A 39 -12.37 -8.90 10.04
C LEU A 39 -12.41 -8.43 11.49
N GLN A 40 -11.39 -7.64 11.94
CA GLN A 40 -11.42 -7.05 13.29
C GLN A 40 -12.51 -5.96 13.47
N SER A 41 -12.81 -5.29 12.39
CA SER A 41 -13.88 -4.34 12.44
C SER A 41 -15.04 -5.23 12.79
N ALA A 42 -15.27 -6.21 11.94
CA ALA A 42 -16.42 -7.12 12.12
C ALA A 42 -16.45 -7.68 13.52
N GLN A 43 -15.26 -8.01 14.09
CA GLN A 43 -15.10 -8.57 15.43
C GLN A 43 -15.51 -7.55 16.48
N LEU A 44 -15.02 -6.32 16.33
CA LEU A 44 -15.27 -5.19 17.22
C LEU A 44 -16.71 -4.73 17.23
N THR A 45 -17.34 -4.62 16.06
CA THR A 45 -18.73 -4.16 15.91
C THR A 45 -19.77 -5.26 16.28
N GLY A 46 -19.34 -6.51 16.26
CA GLY A 46 -20.22 -7.64 16.57
C GLY A 46 -21.02 -8.08 15.36
N MET A 47 -20.37 -8.11 14.20
CA MET A 47 -20.97 -8.52 12.96
C MET A 47 -21.17 -10.00 12.74
N THR A 48 -22.18 -10.33 11.94
CA THR A 48 -22.43 -11.70 11.52
C THR A 48 -21.64 -12.09 10.26
N VAL A 49 -20.55 -12.85 10.48
CA VAL A 49 -19.63 -13.28 9.44
C VAL A 49 -19.96 -14.69 8.95
N THR A 50 -20.02 -14.86 7.63
CA THR A 50 -20.29 -16.15 7.01
C THR A 50 -19.05 -16.53 6.18
N ILE A 51 -18.26 -17.51 6.67
CA ILE A 51 -17.05 -17.98 5.99
C ILE A 51 -17.44 -19.03 4.93
N LYS A 52 -17.11 -18.78 3.68
CA LYS A 52 -17.44 -19.67 2.56
C LYS A 52 -16.18 -20.24 1.96
N SER A 53 -16.22 -21.57 1.70
CA SER A 53 -15.15 -22.36 1.08
C SER A 53 -15.69 -23.65 0.46
N SER A 54 -15.10 -24.08 -0.67
CA SER A 54 -15.53 -25.30 -1.38
C SER A 54 -15.05 -26.54 -0.61
N THR A 55 -13.78 -26.50 -0.17
CA THR A 55 -13.11 -27.55 0.59
C THR A 55 -13.04 -27.06 2.03
N CYS A 56 -14.15 -27.25 2.70
CA CYS A 56 -14.40 -26.82 4.05
C CYS A 56 -13.73 -27.72 5.14
N GLU A 57 -13.39 -28.99 4.83
CA GLU A 57 -12.76 -29.86 5.82
C GLU A 57 -11.36 -30.34 5.41
N SER A 58 -10.44 -29.42 5.09
CA SER A 58 -9.08 -29.83 4.68
C SER A 58 -7.98 -29.18 5.50
N GLY A 59 -8.34 -28.06 6.12
CA GLY A 59 -7.43 -27.23 6.88
C GLY A 59 -6.92 -26.07 6.04
N SER A 60 -7.49 -25.97 4.82
CA SER A 60 -7.22 -24.95 3.83
C SER A 60 -7.89 -23.66 4.29
N GLY A 61 -7.26 -22.54 4.00
CA GLY A 61 -7.81 -21.25 4.38
C GLY A 61 -8.87 -20.74 3.44
N PHE A 62 -9.69 -19.82 3.96
CA PHE A 62 -10.78 -19.15 3.22
C PHE A 62 -10.27 -17.82 2.62
N ALA A 63 -11.09 -17.23 1.77
CA ALA A 63 -10.82 -15.97 1.11
C ALA A 63 -12.15 -15.36 0.73
N GLU A 64 -13.26 -16.00 1.11
CA GLU A 64 -14.58 -15.49 0.83
C GLU A 64 -15.37 -15.37 2.12
N VAL A 65 -15.79 -14.15 2.47
CA VAL A 65 -16.56 -13.89 3.70
C VAL A 65 -17.62 -12.85 3.47
N GLN A 66 -18.80 -13.08 4.06
CA GLN A 66 -19.93 -12.17 4.01
C GLN A 66 -20.10 -11.53 5.39
N PHE A 67 -20.31 -10.21 5.42
CA PHE A 67 -20.48 -9.46 6.65
C PHE A 67 -21.89 -8.89 6.71
N ASN A 68 -22.56 -9.11 7.85
CA ASN A 68 -23.91 -8.61 8.15
C ASN A 68 -23.87 -8.01 9.55
N ASN A 69 -24.53 -6.86 9.78
CA ASN A 69 -24.52 -6.23 11.11
C ASN A 69 -25.41 -7.00 12.06
N ASP A 70 -25.26 -6.78 13.37
CA ASP A 70 -26.14 -7.46 14.32
C ASP A 70 -27.50 -6.77 14.41
N LEU A 71 -28.52 -7.53 14.82
CA LEU A 71 -29.87 -7.00 14.97
C LEU A 71 -30.17 -6.90 16.49
N GLU A 72 -30.15 -5.64 17.03
CA GLU A 72 -30.36 -5.27 18.45
C GLU A 72 -29.37 -5.94 19.40
N ALA B 1 5.09 -18.89 22.71
CA ALA B 1 4.90 -18.67 24.14
C ALA B 1 4.16 -17.34 24.38
N ASP B 2 3.10 -17.35 25.23
CA ASP B 2 2.33 -16.15 25.58
C ASP B 2 3.12 -15.28 26.55
N CYS B 3 3.63 -14.14 26.03
CA CYS B 3 4.47 -13.16 26.73
C CYS B 3 3.66 -12.27 27.66
N ALA B 4 2.57 -11.71 27.12
CA ALA B 4 1.71 -10.81 27.84
C ALA B 4 0.28 -10.95 27.37
N LYS B 5 -0.66 -10.86 28.31
CA LYS B 5 -2.10 -10.92 28.07
C LYS B 5 -2.69 -9.77 28.84
N GLY B 6 -3.34 -8.86 28.13
CA GLY B 6 -3.95 -7.70 28.76
C GLY B 6 -4.35 -6.58 27.81
N LYS B 7 -4.91 -5.50 28.40
CA LYS B 7 -5.36 -4.30 27.72
C LYS B 7 -4.11 -3.47 27.32
N ILE B 8 -4.12 -2.80 26.14
CA ILE B 8 -2.94 -2.00 25.75
C ILE B 8 -2.97 -0.69 26.57
N GLU B 9 -1.93 -0.49 27.42
CA GLU B 9 -1.77 0.70 28.29
C GLU B 9 -1.44 1.93 27.45
N PHE B 10 -0.54 1.72 26.47
CA PHE B 10 -0.11 2.71 25.49
C PHE B 10 0.55 2.07 24.29
N SER B 11 0.54 2.81 23.18
CA SER B 11 1.20 2.43 21.94
C SER B 11 2.17 3.56 21.57
N LYS B 12 3.18 3.25 20.76
CA LYS B 12 4.15 4.25 20.35
C LYS B 12 4.68 3.95 18.97
N TYR B 13 4.60 4.93 18.04
CA TYR B 13 5.20 4.81 16.71
C TYR B 13 6.63 5.26 16.87
N ASN B 14 7.57 4.41 16.44
CA ASN B 14 9.00 4.67 16.61
C ASN B 14 9.66 5.29 15.40
N GLU B 15 10.82 5.96 15.62
CA GLU B 15 11.59 6.60 14.55
C GLU B 15 12.00 5.61 13.43
N ASP B 16 12.09 4.29 13.77
CA ASP B 16 12.51 3.26 12.83
C ASP B 16 11.32 2.56 12.18
N ASP B 17 10.14 3.20 12.26
CA ASP B 17 8.85 2.78 11.70
C ASP B 17 8.34 1.48 12.31
N THR B 18 8.84 1.14 13.53
CA THR B 18 8.32 -0.01 14.25
C THR B 18 7.20 0.50 15.14
N PHE B 19 6.55 -0.37 15.88
CA PHE B 19 5.46 0.05 16.74
C PHE B 19 5.54 -0.70 18.04
N THR B 20 5.65 0.04 19.15
CA THR B 20 5.75 -0.49 20.50
C THR B 20 4.37 -0.42 21.14
N VAL B 21 4.06 -1.38 22.01
CA VAL B 21 2.86 -1.48 22.83
C VAL B 21 3.35 -2.02 24.16
N LYS B 22 2.87 -1.42 25.28
CA LYS B 22 3.18 -1.88 26.64
C LYS B 22 1.92 -2.59 27.06
N VAL B 23 2.03 -3.91 27.26
CA VAL B 23 0.92 -4.77 27.67
C VAL B 23 1.40 -5.48 28.92
N ASP B 24 0.64 -5.37 30.03
CA ASP B 24 0.97 -5.99 31.31
C ASP B 24 2.37 -5.55 31.78
N GLY B 25 2.59 -4.23 31.73
CA GLY B 25 3.82 -3.57 32.18
C GLY B 25 5.09 -3.86 31.39
N LYS B 26 5.00 -4.72 30.36
CA LYS B 26 6.12 -5.09 29.50
C LYS B 26 5.92 -4.50 28.10
N GLU B 27 6.97 -3.89 27.56
CA GLU B 27 6.93 -3.26 26.24
C GLU B 27 7.39 -4.25 25.15
N TYR B 28 6.68 -4.28 24.03
CA TYR B 28 7.04 -5.14 22.90
C TYR B 28 6.82 -4.36 21.63
N TRP B 29 7.68 -4.55 20.64
CA TRP B 29 7.64 -3.82 19.39
C TRP B 29 7.47 -4.75 18.19
N THR B 30 6.93 -4.22 17.08
CA THR B 30 6.75 -4.99 15.86
C THR B 30 7.08 -4.21 14.60
N SER B 31 7.73 -4.88 13.66
CA SER B 31 8.11 -4.27 12.40
C SER B 31 6.97 -4.33 11.39
N ARG B 32 5.92 -5.13 11.65
CA ARG B 32 4.73 -5.31 10.81
C ARG B 32 3.89 -4.04 10.74
N TRP B 33 3.70 -3.57 9.51
CA TRP B 33 2.95 -2.36 9.27
C TRP B 33 1.47 -2.58 9.47
N ASN B 34 0.96 -3.76 9.08
CA ASN B 34 -0.45 -4.11 9.20
C ASN B 34 -0.93 -4.18 10.62
N LEU B 35 0.00 -4.42 11.55
CA LEU B 35 -0.34 -4.51 12.96
C LEU B 35 -0.63 -3.16 13.57
N GLN B 36 -0.06 -2.09 13.01
CA GLN B 36 -0.20 -0.71 13.52
C GLN B 36 -1.68 -0.30 13.67
N PRO B 37 -2.52 -0.37 12.61
CA PRO B 37 -3.94 -0.03 12.78
C PRO B 37 -4.69 -1.02 13.65
N LEU B 38 -4.36 -2.32 13.58
CA LEU B 38 -4.98 -3.36 14.40
C LEU B 38 -4.72 -3.16 15.89
N LEU B 39 -3.50 -2.75 16.24
CA LEU B 39 -3.15 -2.54 17.64
C LEU B 39 -3.77 -1.22 18.05
N GLN B 40 -3.77 -0.22 17.16
CA GLN B 40 -4.40 1.07 17.44
C GLN B 40 -5.86 0.87 17.84
N SER B 41 -6.65 0.17 17.00
CA SER B 41 -8.04 -0.16 17.31
C SER B 41 -8.27 -1.02 18.54
N ALA B 42 -7.36 -1.97 18.82
CA ALA B 42 -7.43 -2.81 20.03
C ALA B 42 -7.24 -1.98 21.30
N GLN B 43 -6.32 -0.98 21.25
CA GLN B 43 -6.02 -0.08 22.38
C GLN B 43 -7.22 0.79 22.70
N LEU B 44 -7.80 1.39 21.64
CA LEU B 44 -8.96 2.28 21.70
C LEU B 44 -10.23 1.61 22.19
N THR B 45 -10.54 0.42 21.67
CA THR B 45 -11.72 -0.36 22.01
C THR B 45 -11.63 -1.07 23.38
N GLY B 46 -10.41 -1.24 23.88
CA GLY B 46 -10.17 -1.88 25.16
C GLY B 46 -10.15 -3.39 25.06
N MET B 47 -9.51 -3.87 23.99
CA MET B 47 -9.37 -5.30 23.71
C MET B 47 -8.27 -5.89 24.57
N THR B 48 -8.41 -7.19 24.93
CA THR B 48 -7.41 -7.92 25.69
C THR B 48 -6.54 -8.70 24.67
N VAL B 49 -5.32 -8.17 24.41
CA VAL B 49 -4.36 -8.69 23.45
C VAL B 49 -3.41 -9.71 24.10
N THR B 50 -3.07 -10.76 23.35
CA THR B 50 -2.16 -11.81 23.81
C THR B 50 -0.94 -11.81 22.88
N ILE B 51 0.19 -11.31 23.38
CA ILE B 51 1.43 -11.25 22.62
C ILE B 51 2.15 -12.59 22.73
N LYS B 52 2.39 -13.24 21.59
CA LYS B 52 3.07 -14.52 21.51
C LYS B 52 4.43 -14.34 20.82
N SER B 53 5.51 -14.83 21.48
CA SER B 53 6.90 -14.69 21.00
C SER B 53 7.82 -15.72 21.69
N SER B 54 8.90 -16.13 21.02
CA SER B 54 9.89 -17.05 21.58
C SER B 54 10.78 -16.26 22.57
N THR B 55 10.96 -14.95 22.29
CA THR B 55 11.69 -13.98 23.09
C THR B 55 10.66 -13.22 23.94
N CYS B 56 10.59 -13.50 25.26
CA CYS B 56 9.54 -12.92 26.10
C CYS B 56 9.98 -11.80 27.03
N GLU B 57 11.27 -11.49 27.09
CA GLU B 57 11.74 -10.37 27.95
C GLU B 57 11.19 -9.03 27.41
N SER B 58 10.99 -8.02 28.29
CA SER B 58 10.47 -6.72 27.85
C SER B 58 11.49 -6.06 26.93
N GLY B 59 11.00 -5.56 25.80
CA GLY B 59 11.79 -4.90 24.78
C GLY B 59 12.05 -5.78 23.56
N SER B 60 11.65 -7.07 23.67
CA SER B 60 11.80 -8.06 22.60
C SER B 60 10.85 -7.76 21.46
N GLY B 61 11.14 -8.34 20.31
CA GLY B 61 10.31 -8.16 19.15
C GLY B 61 9.24 -9.21 19.09
N PHE B 62 8.10 -8.89 18.49
CA PHE B 62 7.03 -9.85 18.38
C PHE B 62 6.28 -9.66 17.08
N ALA B 63 5.54 -10.68 16.67
CA ALA B 63 4.82 -10.55 15.43
C ALA B 63 3.56 -11.38 15.39
N GLU B 64 3.21 -12.01 16.50
CA GLU B 64 2.03 -12.82 16.53
C GLU B 64 1.21 -12.38 17.72
N VAL B 65 -0.05 -12.02 17.48
CA VAL B 65 -0.88 -11.60 18.58
C VAL B 65 -2.30 -11.98 18.35
N GLN B 66 -3.01 -12.14 19.45
CA GLN B 66 -4.43 -12.52 19.43
C GLN B 66 -5.26 -11.40 20.05
N PHE B 67 -6.39 -11.08 19.44
CA PHE B 67 -7.28 -10.03 19.92
C PHE B 67 -8.61 -10.61 20.37
N ASN B 68 -9.05 -10.22 21.56
CA ASN B 68 -10.32 -10.64 22.16
C ASN B 68 -10.98 -9.37 22.69
N ASN B 69 -12.32 -9.24 22.55
CA ASN B 69 -13.04 -8.06 23.06
C ASN B 69 -13.16 -8.13 24.59
N ASP B 70 -13.52 -7.01 25.22
CA ASP B 70 -13.66 -6.93 26.67
C ASP B 70 -15.01 -7.54 27.14
N LEU B 71 -15.15 -7.80 28.48
CA LEU B 71 -16.39 -8.28 29.12
C LEU B 71 -17.22 -7.15 29.82
N ALA C 1 13.66 13.88 23.06
CA ALA C 1 13.14 14.91 23.95
C ALA C 1 11.64 15.10 23.71
N ASP C 2 10.81 15.12 24.78
CA ASP C 2 9.35 15.32 24.67
C ASP C 2 9.02 16.77 24.35
N CYS C 3 8.61 17.03 23.10
CA CYS C 3 8.30 18.35 22.54
C CYS C 3 6.94 18.85 22.99
N ALA C 4 5.92 17.99 22.88
CA ALA C 4 4.55 18.32 23.23
C ALA C 4 3.81 17.09 23.73
N LYS C 5 2.97 17.28 24.75
CA LYS C 5 2.13 16.24 25.33
C LYS C 5 0.76 16.87 25.42
N GLY C 6 -0.21 16.27 24.74
CA GLY C 6 -1.57 16.78 24.75
C GLY C 6 -2.51 16.19 23.71
N LYS C 7 -3.76 16.67 23.71
CA LYS C 7 -4.84 16.28 22.80
C LYS C 7 -4.58 16.96 21.45
N ILE C 8 -4.87 16.30 20.31
CA ILE C 8 -4.62 16.96 19.01
C ILE C 8 -5.68 18.06 18.76
N GLU C 9 -5.24 19.34 18.64
CA GLU C 9 -6.09 20.52 18.41
C GLU C 9 -6.73 20.41 17.02
N PHE C 10 -5.88 20.13 16.02
CA PHE C 10 -6.23 19.92 14.63
C PHE C 10 -5.13 19.18 13.91
N SER C 11 -5.48 18.57 12.78
CA SER C 11 -4.55 17.87 11.89
C SER C 11 -4.68 18.50 10.51
N LYS C 12 -3.66 18.36 9.65
CA LYS C 12 -3.70 18.91 8.31
C LYS C 12 -2.87 18.07 7.36
N TYR C 13 -3.50 17.63 6.26
CA TYR C 13 -2.80 16.89 5.20
C TYR C 13 -2.23 17.96 4.29
N ASN C 14 -0.92 17.91 4.04
CA ASN C 14 -0.22 18.91 3.26
C ASN C 14 -0.05 18.55 1.82
N GLU C 15 0.21 19.56 0.96
CA GLU C 15 0.39 19.33 -0.48
C GLU C 15 1.58 18.39 -0.79
N ASP C 16 2.57 18.31 0.12
CA ASP C 16 3.74 17.49 -0.07
C ASP C 16 3.60 16.11 0.56
N ASP C 17 2.34 15.72 0.82
CA ASP C 17 1.93 14.43 1.39
C ASP C 17 2.46 14.24 2.82
N THR C 18 2.80 15.36 3.52
CA THR C 18 3.21 15.29 4.93
C THR C 18 1.96 15.49 5.74
N PHE C 19 2.07 15.43 7.07
CA PHE C 19 0.91 15.59 7.92
C PHE C 19 1.29 16.38 9.12
N THR C 20 0.62 17.53 9.32
CA THR C 20 0.84 18.43 10.45
C THR C 20 -0.24 18.14 11.50
N VAL C 21 0.12 18.34 12.78
CA VAL C 21 -0.74 18.25 13.96
C VAL C 21 -0.27 19.39 14.87
N LYS C 22 -1.22 20.13 15.47
CA LYS C 22 -0.91 21.17 16.44
C LYS C 22 -1.28 20.55 17.77
N VAL C 23 -0.26 20.32 18.61
CA VAL C 23 -0.42 19.71 19.94
C VAL C 23 0.20 20.70 20.90
N ASP C 24 -0.60 21.13 21.91
CA ASP C 24 -0.17 22.09 22.95
C ASP C 24 0.33 23.39 22.28
N GLY C 25 -0.50 23.92 21.37
CA GLY C 25 -0.25 25.17 20.64
C GLY C 25 0.93 25.20 19.67
N LYS C 26 1.70 24.11 19.58
CA LYS C 26 2.85 24.00 18.69
C LYS C 26 2.52 23.02 17.56
N GLU C 27 2.85 23.40 16.31
CA GLU C 27 2.60 22.60 15.12
C GLU C 27 3.82 21.72 14.80
N TYR C 28 3.58 20.44 14.47
CA TYR C 28 4.66 19.54 14.10
C TYR C 28 4.18 18.70 12.93
N TRP C 29 5.07 18.39 11.99
CA TRP C 29 4.72 17.63 10.79
C TRP C 29 5.51 16.34 10.68
N THR C 30 4.96 15.34 9.94
CA THR C 30 5.64 14.08 9.72
C THR C 30 5.50 13.57 8.28
N SER C 31 6.59 13.03 7.76
CA SER C 31 6.59 12.47 6.42
C SER C 31 6.07 11.03 6.39
N ARG C 32 5.96 10.36 7.57
CA ARG C 32 5.50 8.99 7.76
C ARG C 32 4.03 8.84 7.39
N TRP C 33 3.76 7.94 6.45
CA TRP C 33 2.43 7.72 5.97
C TRP C 33 1.60 6.96 6.94
N ASN C 34 2.20 6.02 7.66
CA ASN C 34 1.50 5.20 8.66
C ASN C 34 0.99 6.00 9.84
N LEU C 35 1.58 7.17 10.06
CA LEU C 35 1.18 8.03 11.16
C LEU C 35 -0.11 8.75 10.88
N GLN C 36 -0.43 8.96 9.59
CA GLN C 36 -1.63 9.70 9.16
C GLN C 36 -2.92 9.10 9.75
N PRO C 37 -3.22 7.79 9.55
CA PRO C 37 -4.42 7.22 10.16
C PRO C 37 -4.34 7.16 11.67
N LEU C 38 -3.14 6.91 12.23
CA LEU C 38 -2.93 6.83 13.68
C LEU C 38 -3.19 8.15 14.36
N LEU C 39 -2.76 9.25 13.72
CA LEU C 39 -2.96 10.57 14.30
C LEU C 39 -4.37 11.09 14.34
N GLN C 40 -5.12 10.95 13.23
CA GLN C 40 -6.54 11.34 13.19
C GLN C 40 -7.43 10.46 14.09
N SER C 41 -7.08 9.21 14.22
CA SER C 41 -7.84 8.40 15.12
C SER C 41 -7.58 9.03 16.46
N ALA C 42 -6.32 9.22 16.79
CA ALA C 42 -5.99 9.82 18.09
C ALA C 42 -6.70 11.15 18.29
N GLN C 43 -6.82 11.96 17.22
CA GLN C 43 -7.47 13.26 17.25
C GLN C 43 -8.97 13.11 17.52
N LEU C 44 -9.60 12.18 16.79
CA LEU C 44 -11.02 11.87 16.88
C LEU C 44 -11.47 11.30 18.22
N THR C 45 -10.69 10.31 18.74
CA THR C 45 -10.96 9.63 20.01
C THR C 45 -10.60 10.46 21.24
N GLY C 46 -9.76 11.48 21.07
CA GLY C 46 -9.34 12.36 22.15
C GLY C 46 -8.19 11.79 22.95
N MET C 47 -7.25 11.20 22.24
CA MET C 47 -6.06 10.62 22.86
C MET C 47 -5.04 11.70 23.18
N THR C 48 -4.25 11.48 24.24
CA THR C 48 -3.15 12.37 24.63
C THR C 48 -1.84 11.83 24.00
N VAL C 49 -1.38 12.54 22.98
CA VAL C 49 -0.20 12.19 22.22
C VAL C 49 1.06 12.88 22.77
N THR C 50 2.20 12.17 22.76
CA THR C 50 3.48 12.70 23.23
C THR C 50 4.46 12.73 22.04
N ILE C 51 4.74 13.92 21.51
CA ILE C 51 5.66 14.09 20.38
C ILE C 51 7.09 14.15 20.88
N LYS C 52 7.95 13.24 20.41
CA LYS C 52 9.35 13.18 20.79
C LYS C 52 10.22 13.49 19.55
N SER C 53 11.18 14.45 19.69
CA SER C 53 12.04 14.94 18.61
C SER C 53 13.28 15.66 19.17
N SER C 54 14.40 15.66 18.40
CA SER C 54 15.64 16.35 18.75
C SER C 54 15.46 17.85 18.49
N THR C 55 14.64 18.19 17.48
CA THR C 55 14.23 19.54 17.08
C THR C 55 12.85 19.79 17.69
N CYS C 56 12.78 20.67 18.72
CA CYS C 56 11.52 20.88 19.43
C CYS C 56 10.81 22.18 19.13
N GLU C 57 11.40 23.08 18.34
CA GLU C 57 10.75 24.34 17.96
C GLU C 57 9.46 24.07 17.12
N SER C 58 8.43 24.96 17.18
CA SER C 58 7.20 24.75 16.41
C SER C 58 7.50 24.83 14.92
N GLY C 59 7.05 23.82 14.18
CA GLY C 59 7.27 23.73 12.74
C GLY C 59 8.30 22.69 12.36
N SER C 60 9.00 22.11 13.39
CA SER C 60 10.02 21.08 13.23
C SER C 60 9.39 19.79 12.78
N GLY C 61 10.23 18.92 12.24
CA GLY C 61 9.77 17.61 11.81
C GLY C 61 9.83 16.61 12.93
N PHE C 62 9.00 15.59 12.86
CA PHE C 62 9.03 14.58 13.89
C PHE C 62 8.60 13.22 13.38
N ALA C 63 8.88 12.20 14.16
CA ALA C 63 8.52 10.85 13.75
C ALA C 63 8.06 10.02 14.91
N GLU C 64 8.74 10.12 16.04
CA GLU C 64 8.34 9.34 17.19
C GLU C 64 7.17 9.95 17.93
N VAL C 65 6.20 9.14 18.28
CA VAL C 65 5.05 9.62 19.01
C VAL C 65 4.38 8.51 19.78
N GLN C 66 3.90 8.84 20.98
CA GLN C 66 3.27 7.89 21.90
C GLN C 66 1.80 8.25 22.03
N PHE C 67 0.92 7.23 22.02
CA PHE C 67 -0.53 7.40 22.13
C PHE C 67 -1.04 6.77 23.41
N ASN C 68 -1.84 7.54 24.17
CA ASN C 68 -2.47 7.12 25.42
C ASN C 68 -3.92 7.55 25.35
N ASN C 69 -4.86 6.72 25.84
CA ASN C 69 -6.29 7.02 25.83
C ASN C 69 -6.60 8.10 26.87
N ASP C 70 -7.76 8.78 26.71
CA ASP C 70 -8.24 9.90 27.52
C ASP C 70 -8.38 9.64 29.04
N LEU C 71 -9.22 8.63 29.45
CA LEU C 71 -9.57 8.23 30.84
C LEU C 71 -10.42 9.29 31.63
N ALA D 1 -5.03 29.10 -0.38
CA ALA D 1 -6.27 29.86 -0.18
C ALA D 1 -7.38 28.94 0.33
N ASP D 2 -8.11 29.33 1.40
CA ASP D 2 -9.23 28.54 1.97
C ASP D 2 -10.46 28.64 1.09
N CYS D 3 -10.76 27.55 0.36
CA CYS D 3 -11.85 27.41 -0.61
C CYS D 3 -13.17 27.17 0.06
N ALA D 4 -13.19 26.24 1.01
CA ALA D 4 -14.39 25.86 1.73
C ALA D 4 -14.05 25.42 3.14
N LYS D 5 -14.91 25.79 4.08
CA LYS D 5 -14.78 25.43 5.49
C LYS D 5 -16.15 24.95 5.88
N GLY D 6 -16.22 23.70 6.33
CA GLY D 6 -17.48 23.13 6.76
C GLY D 6 -17.51 21.63 6.92
N LYS D 7 -18.69 21.10 7.31
CA LYS D 7 -18.98 19.68 7.49
C LYS D 7 -19.11 19.03 6.09
N ILE D 8 -18.62 17.78 5.90
CA ILE D 8 -18.73 17.12 4.59
C ILE D 8 -20.19 16.71 4.35
N GLU D 9 -20.84 17.31 3.30
CA GLU D 9 -22.23 17.05 2.90
C GLU D 9 -22.36 15.62 2.41
N PHE D 10 -21.42 15.23 1.52
CA PHE D 10 -21.29 13.91 0.96
C PHE D 10 -19.92 13.72 0.36
N SER D 11 -19.53 12.46 0.17
CA SER D 11 -18.27 12.07 -0.46
C SER D 11 -18.63 11.14 -1.61
N LYS D 12 -17.74 11.02 -2.59
CA LYS D 12 -18.00 10.15 -3.74
C LYS D 12 -16.71 9.59 -4.28
N TYR D 13 -16.62 8.25 -4.40
CA TYR D 13 -15.47 7.57 -5.02
C TYR D 13 -15.75 7.60 -6.51
N ASN D 14 -14.82 8.13 -7.30
CA ASN D 14 -14.97 8.28 -8.75
C ASN D 14 -14.40 7.15 -9.57
N GLU D 15 -14.86 7.02 -10.81
CA GLU D 15 -14.38 5.98 -11.70
C GLU D 15 -12.85 6.07 -12.00
N ASP D 16 -12.27 7.27 -11.83
CA ASP D 16 -10.86 7.49 -12.08
C ASP D 16 -10.01 7.37 -10.81
N ASP D 17 -10.60 6.74 -9.76
CA ASP D 17 -10.01 6.50 -8.45
C ASP D 17 -9.68 7.79 -7.68
N THR D 18 -10.37 8.89 -8.03
CA THR D 18 -10.22 10.13 -7.29
C THR D 18 -11.35 10.14 -6.25
N PHE D 19 -11.43 11.17 -5.44
CA PHE D 19 -12.45 11.21 -4.42
C PHE D 19 -12.96 12.62 -4.32
N THR D 20 -14.27 12.80 -4.50
CA THR D 20 -14.96 14.08 -4.44
C THR D 20 -15.58 14.19 -3.06
N VAL D 21 -15.66 15.44 -2.54
CA VAL D 21 -16.33 15.85 -1.31
C VAL D 21 -17.03 17.18 -1.62
N LYS D 22 -18.28 17.34 -1.18
CA LYS D 22 -19.03 18.58 -1.34
C LYS D 22 -18.99 19.21 0.04
N VAL D 23 -18.31 20.35 0.15
CA VAL D 23 -18.18 21.08 1.40
C VAL D 23 -18.66 22.50 1.11
N ASP D 24 -19.64 22.99 1.89
CA ASP D 24 -20.20 24.34 1.74
C ASP D 24 -20.75 24.54 0.28
N GLY D 25 -21.54 23.56 -0.17
CA GLY D 25 -22.18 23.54 -1.48
C GLY D 25 -21.28 23.45 -2.71
N LYS D 26 -19.95 23.43 -2.51
CA LYS D 26 -18.97 23.34 -3.57
C LYS D 26 -18.28 21.98 -3.53
N GLU D 27 -18.15 21.33 -4.70
CA GLU D 27 -17.53 20.02 -4.84
C GLU D 27 -16.04 20.16 -5.14
N TYR D 28 -15.20 19.33 -4.50
CA TYR D 28 -13.77 19.34 -4.73
C TYR D 28 -13.30 17.90 -4.73
N TRP D 29 -12.34 17.57 -5.58
CA TRP D 29 -11.84 16.21 -5.71
C TRP D 29 -10.34 16.12 -5.41
N THR D 30 -9.87 14.91 -5.02
CA THR D 30 -8.47 14.69 -4.76
C THR D 30 -7.97 13.35 -5.29
N SER D 31 -6.77 13.37 -5.86
CA SER D 31 -6.15 12.17 -6.40
C SER D 31 -5.44 11.35 -5.33
N ARG D 32 -5.22 11.93 -4.12
CA ARG D 32 -4.53 11.33 -2.96
C ARG D 32 -5.34 10.22 -2.38
N TRP D 33 -4.72 9.05 -2.32
CA TRP D 33 -5.34 7.83 -1.81
C TRP D 33 -5.38 7.93 -0.32
N ASN D 34 -4.37 8.53 0.29
CA ASN D 34 -4.27 8.72 1.75
C ASN D 34 -5.45 9.48 2.32
N LEU D 35 -5.96 10.44 1.55
CA LEU D 35 -7.10 11.24 1.96
C LEU D 35 -8.46 10.58 2.01
N GLN D 36 -8.66 9.49 1.23
CA GLN D 36 -9.93 8.76 1.13
C GLN D 36 -10.43 8.30 2.51
N PRO D 37 -9.63 7.54 3.31
CA PRO D 37 -10.10 7.14 4.63
C PRO D 37 -10.22 8.33 5.60
N LEU D 38 -9.31 9.31 5.50
CA LEU D 38 -9.33 10.52 6.35
C LEU D 38 -10.58 11.35 6.13
N LEU D 39 -11.01 11.49 4.88
CA LEU D 39 -12.19 12.28 4.55
C LEU D 39 -13.46 11.55 4.96
N GLN D 40 -13.52 10.22 4.74
CA GLN D 40 -14.69 9.41 5.14
C GLN D 40 -14.88 9.51 6.66
N SER D 41 -13.79 9.35 7.46
CA SER D 41 -13.85 9.46 8.92
C SER D 41 -14.29 10.85 9.32
N ALA D 42 -13.83 11.91 8.61
CA ALA D 42 -14.23 13.29 8.89
C ALA D 42 -15.72 13.51 8.60
N GLN D 43 -16.24 12.89 7.52
CA GLN D 43 -17.65 12.99 7.12
C GLN D 43 -18.53 12.33 8.16
N LEU D 44 -18.16 11.12 8.56
CA LEU D 44 -18.88 10.28 9.53
C LEU D 44 -18.93 10.88 10.92
N THR D 45 -17.79 11.39 11.42
CA THR D 45 -17.65 11.99 12.75
C THR D 45 -18.21 13.41 12.85
N GLY D 46 -18.39 14.07 11.70
CA GLY D 46 -18.93 15.42 11.64
C GLY D 46 -17.87 16.48 11.89
N MET D 47 -16.70 16.27 11.30
CA MET D 47 -15.58 17.18 11.42
C MET D 47 -15.76 18.35 10.48
N THR D 48 -15.23 19.53 10.88
CA THR D 48 -15.27 20.75 10.06
C THR D 48 -13.90 20.82 9.30
N VAL D 49 -13.97 20.47 8.03
CA VAL D 49 -12.83 20.42 7.13
C VAL D 49 -12.61 21.76 6.43
N THR D 50 -11.34 22.15 6.26
CA THR D 50 -10.97 23.39 5.58
C THR D 50 -10.17 23.01 4.34
N ILE D 51 -10.78 23.14 3.15
CA ILE D 51 -10.14 22.82 1.88
C ILE D 51 -9.31 24.00 1.41
N LYS D 52 -8.02 23.79 1.24
CA LYS D 52 -7.08 24.81 0.79
C LYS D 52 -6.56 24.43 -0.61
N SER D 53 -6.67 25.39 -1.57
CA SER D 53 -6.30 25.18 -2.98
C SER D 53 -6.08 26.52 -3.66
N SER D 54 -5.21 26.55 -4.69
CA SER D 54 -4.95 27.76 -5.47
C SER D 54 -6.13 28.03 -6.43
N THR D 55 -6.79 26.93 -6.86
CA THR D 55 -7.98 26.90 -7.72
C THR D 55 -9.17 26.71 -6.79
N CYS D 56 -10.00 27.75 -6.60
CA CYS D 56 -11.09 27.66 -5.64
C CYS D 56 -12.50 27.46 -6.24
N GLU D 57 -12.63 27.43 -7.57
CA GLU D 57 -13.91 27.21 -8.27
C GLU D 57 -14.43 25.82 -7.93
N SER D 58 -15.74 25.58 -7.92
CA SER D 58 -16.26 24.23 -7.63
C SER D 58 -15.88 23.28 -8.77
N GLY D 59 -15.39 22.12 -8.43
CA GLY D 59 -14.95 21.14 -9.40
C GLY D 59 -13.45 21.09 -9.49
N SER D 60 -12.79 22.10 -8.89
CA SER D 60 -11.35 22.25 -8.77
C SER D 60 -10.81 21.10 -7.93
N GLY D 61 -9.59 20.65 -8.22
CA GLY D 61 -8.95 19.59 -7.43
C GLY D 61 -8.21 20.19 -6.26
N PHE D 62 -7.99 19.44 -5.21
CA PHE D 62 -7.26 19.96 -4.06
C PHE D 62 -6.42 18.89 -3.44
N ALA D 63 -5.60 19.23 -2.47
CA ALA D 63 -4.75 18.23 -1.87
C ALA D 63 -4.57 18.62 -0.43
N GLU D 64 -4.60 19.90 -0.12
CA GLU D 64 -4.36 20.28 1.25
C GLU D 64 -5.61 20.57 2.07
N VAL D 65 -5.76 19.89 3.20
CA VAL D 65 -6.88 20.09 4.08
C VAL D 65 -6.57 20.09 5.53
N GLN D 66 -7.47 20.66 6.30
CA GLN D 66 -7.34 20.76 7.74
C GLN D 66 -8.58 20.15 8.38
N PHE D 67 -8.39 19.32 9.40
CA PHE D 67 -9.48 18.66 10.10
C PHE D 67 -9.56 19.14 11.54
N ASN D 68 -10.77 19.55 11.95
CA ASN D 68 -11.08 20.01 13.29
C ASN D 68 -12.36 19.29 13.71
N ASN D 69 -12.46 18.85 14.99
CA ASN D 69 -13.68 18.16 15.49
C ASN D 69 -14.79 19.21 15.75
N ASP D 70 -16.00 18.79 16.19
CA ASP D 70 -17.09 19.74 16.51
C ASP D 70 -17.05 20.20 17.97
N ALA E 1 -25.43 6.33 -14.50
CA ALA E 1 -26.82 6.02 -14.14
C ALA E 1 -26.90 5.49 -12.71
N ASP E 2 -27.80 6.05 -11.86
CA ASP E 2 -27.98 5.62 -10.47
C ASP E 2 -28.73 4.30 -10.41
N CYS E 3 -28.01 3.20 -10.11
CA CYS E 3 -28.50 1.82 -10.07
C CYS E 3 -29.25 1.52 -8.80
N ALA E 4 -28.68 1.92 -7.67
CA ALA E 4 -29.25 1.66 -6.36
C ALA E 4 -28.88 2.79 -5.41
N LYS E 5 -29.83 3.16 -4.54
CA LYS E 5 -29.66 4.18 -3.51
C LYS E 5 -30.20 3.55 -2.26
N GLY E 6 -29.36 3.39 -1.25
CA GLY E 6 -29.79 2.80 0.00
C GLY E 6 -28.72 2.42 0.98
N LYS E 7 -29.13 1.87 2.13
CA LYS E 7 -28.25 1.40 3.19
C LYS E 7 -27.68 0.04 2.75
N ILE E 8 -26.40 -0.26 3.09
CA ILE E 8 -25.81 -1.55 2.70
C ILE E 8 -26.42 -2.70 3.55
N GLU E 9 -27.12 -3.65 2.87
CA GLU E 9 -27.77 -4.82 3.49
C GLU E 9 -26.69 -5.75 4.05
N PHE E 10 -25.68 -6.03 3.22
CA PHE E 10 -24.51 -6.83 3.53
C PHE E 10 -23.38 -6.55 2.51
N SER E 11 -22.15 -6.89 2.90
CA SER E 11 -20.99 -6.81 2.05
C SER E 11 -20.35 -8.21 2.02
N LYS E 12 -19.57 -8.51 0.98
CA LYS E 12 -18.91 -9.80 0.88
C LYS E 12 -17.59 -9.68 0.15
N TYR E 13 -16.51 -10.17 0.78
CA TYR E 13 -15.18 -10.22 0.16
C TYR E 13 -15.16 -11.50 -0.65
N ASN E 14 -14.83 -11.40 -1.94
CA ASN E 14 -14.86 -12.54 -2.86
C ASN E 14 -13.53 -13.20 -3.04
N GLU E 15 -13.56 -14.48 -3.49
CA GLU E 15 -12.33 -15.26 -3.73
C GLU E 15 -11.38 -14.60 -4.75
N ASP E 16 -11.91 -13.75 -5.64
CA ASP E 16 -11.12 -13.07 -6.67
C ASP E 16 -10.67 -11.67 -6.24
N ASP E 17 -10.75 -11.41 -4.91
CA ASP E 17 -10.36 -10.18 -4.24
C ASP E 17 -11.25 -9.00 -4.66
N THR E 18 -12.49 -9.28 -5.16
CA THR E 18 -13.42 -8.20 -5.49
C THR E 18 -14.28 -8.03 -4.24
N PHE E 19 -15.23 -7.10 -4.28
CA PHE E 19 -16.07 -6.88 -3.12
C PHE E 19 -17.47 -6.63 -3.57
N THR E 20 -18.43 -7.43 -3.07
CA THR E 20 -19.85 -7.32 -3.39
C THR E 20 -20.52 -6.60 -2.25
N VAL E 21 -21.59 -5.86 -2.56
CA VAL E 21 -22.48 -5.14 -1.64
C VAL E 21 -23.88 -5.30 -2.21
N LYS E 22 -24.87 -5.60 -1.36
CA LYS E 22 -26.27 -5.71 -1.76
C LYS E 22 -26.90 -4.43 -1.24
N VAL E 23 -27.31 -3.56 -2.18
CA VAL E 23 -27.94 -2.29 -1.88
C VAL E 23 -29.27 -2.29 -2.61
N ASP E 24 -30.38 -2.08 -1.86
CA ASP E 24 -31.72 -2.07 -2.41
C ASP E 24 -32.03 -3.39 -3.16
N GLY E 25 -31.74 -4.51 -2.49
CA GLY E 25 -31.98 -5.87 -2.98
C GLY E 25 -31.19 -6.33 -4.19
N LYS E 26 -30.33 -5.45 -4.74
CA LYS E 26 -29.51 -5.74 -5.91
C LYS E 26 -28.05 -5.80 -5.47
N GLU E 27 -27.32 -6.84 -5.92
CA GLU E 27 -25.90 -7.05 -5.60
C GLU E 27 -25.03 -6.40 -6.66
N TYR E 28 -23.96 -5.71 -6.24
CA TYR E 28 -23.00 -5.08 -7.16
C TYR E 28 -21.62 -5.32 -6.59
N TRP E 29 -20.64 -5.55 -7.46
CA TRP E 29 -19.26 -5.86 -7.05
C TRP E 29 -18.27 -4.85 -7.59
N THR E 30 -17.11 -4.71 -6.93
CA THR E 30 -16.07 -3.78 -7.37
C THR E 30 -14.67 -4.34 -7.22
N SER E 31 -13.84 -4.08 -8.23
CA SER E 31 -12.47 -4.56 -8.23
C SER E 31 -11.54 -3.62 -7.46
N ARG E 32 -12.01 -2.38 -7.14
CA ARG E 32 -11.29 -1.32 -6.42
C ARG E 32 -11.04 -1.72 -4.98
N TRP E 33 -9.75 -1.75 -4.61
CA TRP E 33 -9.34 -2.15 -3.29
C TRP E 33 -9.68 -1.07 -2.27
N ASN E 34 -9.56 0.19 -2.66
CA ASN E 34 -9.80 1.37 -1.81
C ASN E 34 -11.24 1.47 -1.38
N LEU E 35 -12.14 0.90 -2.16
CA LEU E 35 -13.56 0.91 -1.86
C LEU E 35 -13.95 -0.05 -0.73
N GLN E 36 -13.14 -1.09 -0.51
CA GLN E 36 -13.39 -2.11 0.49
C GLN E 36 -13.56 -1.52 1.89
N PRO E 37 -12.57 -0.74 2.42
CA PRO E 37 -12.75 -0.15 3.75
C PRO E 37 -13.84 0.90 3.77
N LEU E 38 -13.98 1.67 2.69
CA LEU E 38 -15.02 2.72 2.56
C LEU E 38 -16.44 2.13 2.60
N LEU E 39 -16.63 0.99 1.93
CA LEU E 39 -17.93 0.38 1.90
C LEU E 39 -18.28 -0.28 3.23
N GLN E 40 -17.28 -0.94 3.87
CA GLN E 40 -17.50 -1.55 5.18
C GLN E 40 -17.89 -0.51 6.21
N SER E 41 -17.14 0.63 6.24
CA SER E 41 -17.42 1.72 7.17
C SER E 41 -18.77 2.31 6.91
N ALA E 42 -19.21 2.36 5.63
CA ALA E 42 -20.54 2.85 5.28
C ALA E 42 -21.62 1.93 5.86
N GLN E 43 -21.52 0.62 5.58
CA GLN E 43 -22.44 -0.43 6.07
C GLN E 43 -22.57 -0.40 7.59
N LEU E 44 -21.44 -0.25 8.29
CA LEU E 44 -21.38 -0.20 9.75
C LEU E 44 -22.02 1.03 10.36
N THR E 45 -21.70 2.22 9.78
CA THR E 45 -22.21 3.53 10.22
C THR E 45 -23.64 3.82 9.78
N GLY E 46 -24.15 3.05 8.83
CA GLY E 46 -25.52 3.19 8.34
C GLY E 46 -25.70 4.31 7.34
N MET E 47 -24.73 4.43 6.41
CA MET E 47 -24.70 5.42 5.34
C MET E 47 -25.65 5.03 4.22
N THR E 48 -26.06 6.03 3.42
CA THR E 48 -26.93 5.87 2.25
C THR E 48 -26.06 6.08 0.98
N VAL E 49 -25.67 4.92 0.44
CA VAL E 49 -24.85 4.75 -0.73
C VAL E 49 -25.69 4.78 -1.99
N THR E 50 -25.13 5.40 -3.04
CA THR E 50 -25.73 5.57 -4.36
C THR E 50 -24.75 4.95 -5.34
N ILE E 51 -25.12 3.78 -5.90
CA ILE E 51 -24.29 3.02 -6.85
C ILE E 51 -24.57 3.51 -8.24
N LYS E 52 -23.55 4.10 -8.88
CA LYS E 52 -23.65 4.65 -10.24
C LYS E 52 -22.85 3.74 -11.18
N SER E 53 -23.51 3.28 -12.27
CA SER E 53 -22.94 2.35 -13.25
C SER E 53 -23.72 2.39 -14.57
N SER E 54 -23.03 2.10 -15.70
CA SER E 54 -23.64 2.04 -17.03
C SER E 54 -24.46 0.75 -17.12
N THR E 55 -23.99 -0.30 -16.43
CA THR E 55 -24.60 -1.63 -16.31
C THR E 55 -25.36 -1.66 -14.98
N CYS E 56 -26.72 -1.65 -15.04
CA CYS E 56 -27.51 -1.56 -13.81
C CYS E 56 -28.17 -2.85 -13.33
N GLU E 57 -28.12 -3.93 -14.11
CA GLU E 57 -28.72 -5.19 -13.67
C GLU E 57 -27.97 -5.72 -12.44
N SER E 58 -28.61 -6.49 -11.57
CA SER E 58 -27.94 -7.04 -10.40
C SER E 58 -26.84 -8.01 -10.81
N GLY E 59 -25.69 -7.88 -10.21
CA GLY E 59 -24.53 -8.70 -10.50
C GLY E 59 -23.51 -7.98 -11.32
N SER E 60 -23.87 -6.76 -11.79
CA SER E 60 -23.02 -5.89 -12.62
C SER E 60 -21.87 -5.34 -11.81
N GLY E 61 -20.84 -4.89 -12.52
CA GLY E 61 -19.70 -4.29 -11.88
C GLY E 61 -19.91 -2.81 -11.71
N PHE E 62 -19.36 -2.26 -10.65
CA PHE E 62 -19.50 -0.85 -10.40
C PHE E 62 -18.20 -0.26 -9.89
N ALA E 63 -18.12 1.06 -9.86
CA ALA E 63 -16.91 1.70 -9.41
C ALA E 63 -17.22 3.03 -8.76
N GLU E 64 -18.22 3.72 -9.26
CA GLU E 64 -18.57 5.02 -8.72
C GLU E 64 -19.63 4.91 -7.65
N VAL E 65 -19.33 5.37 -6.45
CA VAL E 65 -20.29 5.34 -5.34
C VAL E 65 -20.23 6.61 -4.55
N GLN E 66 -21.42 7.12 -4.16
CA GLN E 66 -21.60 8.32 -3.35
C GLN E 66 -22.02 7.90 -1.96
N PHE E 67 -21.44 8.53 -0.93
CA PHE E 67 -21.73 8.23 0.47
C PHE E 67 -22.36 9.45 1.12
N ASN E 68 -23.49 9.23 1.81
CA ASN E 68 -24.25 10.24 2.56
C ASN E 68 -24.54 9.65 3.94
N ASN E 69 -24.40 10.44 5.01
CA ASN E 69 -24.66 9.93 6.37
C ASN E 69 -26.15 9.74 6.60
N ASP E 70 -26.49 8.93 7.61
CA ASP E 70 -27.86 8.65 8.06
C ASP E 70 -28.52 9.95 8.51
N LEU E 71 -29.87 9.97 8.55
CA LEU E 71 -30.62 11.15 8.96
C LEU E 71 -31.98 10.76 9.58
N GLN F 1 -2.88 -19.32 -20.58
CA GLN F 1 -3.74 -20.22 -19.79
C GLN F 1 -3.04 -20.60 -18.48
N VAL F 2 -3.75 -20.46 -17.35
CA VAL F 2 -3.18 -20.82 -16.06
C VAL F 2 -2.86 -22.30 -16.09
N GLN F 3 -1.64 -22.66 -15.71
CA GLN F 3 -1.20 -24.03 -15.68
C GLN F 3 -0.27 -24.27 -14.51
N LEU F 4 -0.45 -25.40 -13.83
CA LEU F 4 0.35 -25.84 -12.69
C LEU F 4 0.80 -27.26 -13.04
N GLN F 5 2.11 -27.49 -13.08
CA GLN F 5 2.64 -28.80 -13.47
C GLN F 5 3.47 -29.45 -12.40
N GLU F 6 2.82 -30.34 -11.63
CA GLU F 6 3.45 -31.09 -10.55
C GLU F 6 4.34 -32.17 -11.15
N SER F 7 5.47 -32.45 -10.45
CA SER F 7 6.45 -33.47 -10.77
C SER F 7 7.24 -33.84 -9.50
N GLY F 8 8.02 -34.91 -9.57
CA GLY F 8 8.87 -35.36 -8.48
C GLY F 8 8.32 -36.48 -7.63
N GLY F 9 7.16 -37.01 -8.00
CA GLY F 9 6.51 -38.07 -7.26
C GLY F 9 7.11 -39.43 -7.56
N GLY F 10 6.39 -40.49 -7.18
CA GLY F 10 6.77 -41.86 -7.43
C GLY F 10 6.68 -42.80 -6.24
N LEU F 11 7.45 -43.90 -6.31
CA LEU F 11 7.51 -44.91 -5.27
C LEU F 11 8.76 -44.74 -4.41
N VAL F 12 8.56 -44.59 -3.10
CA VAL F 12 9.63 -44.41 -2.12
C VAL F 12 9.43 -45.46 -1.02
N GLN F 13 10.51 -45.95 -0.39
CA GLN F 13 10.40 -46.91 0.72
C GLN F 13 10.15 -46.10 2.02
N PRO F 14 9.41 -46.62 3.03
CA PRO F 14 9.15 -45.80 4.25
C PRO F 14 10.43 -45.32 4.92
N GLY F 15 10.43 -44.06 5.34
CA GLY F 15 11.59 -43.40 5.92
C GLY F 15 12.37 -42.59 4.90
N GLY F 16 12.12 -42.88 3.61
CA GLY F 16 12.75 -42.22 2.47
C GLY F 16 12.33 -40.78 2.27
N SER F 17 12.85 -40.15 1.21
CA SER F 17 12.58 -38.75 0.88
C SER F 17 12.21 -38.53 -0.58
N LEU F 18 11.52 -37.40 -0.87
CA LEU F 18 11.08 -36.99 -2.21
C LEU F 18 10.98 -35.48 -2.27
N ARG F 19 11.20 -34.89 -3.46
CA ARG F 19 11.05 -33.45 -3.66
C ARG F 19 10.13 -33.12 -4.82
N LEU F 20 8.91 -32.70 -4.45
CA LEU F 20 7.88 -32.32 -5.41
C LEU F 20 8.12 -30.94 -5.94
N SER F 21 7.89 -30.76 -7.25
CA SER F 21 8.06 -29.48 -7.93
C SER F 21 6.82 -29.19 -8.73
N CYS F 22 6.39 -27.94 -8.70
CA CYS F 22 5.22 -27.51 -9.42
C CYS F 22 5.61 -26.26 -10.19
N ALA F 23 5.53 -26.32 -11.52
CA ALA F 23 5.89 -25.21 -12.38
C ALA F 23 4.67 -24.44 -12.84
N ALA F 24 4.50 -23.21 -12.30
CA ALA F 24 3.38 -22.35 -12.57
C ALA F 24 3.63 -21.43 -13.77
N SER F 25 2.56 -21.18 -14.56
CA SER F 25 2.56 -20.32 -15.74
C SER F 25 1.16 -19.76 -16.00
N GLY F 26 1.07 -18.70 -16.79
CA GLY F 26 -0.20 -18.13 -17.21
C GLY F 26 -0.90 -17.19 -16.24
N PHE F 27 -0.20 -16.82 -15.16
CA PHE F 27 -0.67 -15.88 -14.12
C PHE F 27 0.53 -15.33 -13.38
N THR F 28 0.39 -14.16 -12.71
CA THR F 28 1.54 -13.63 -12.00
C THR F 28 1.68 -14.36 -10.63
N PHE F 29 2.58 -15.37 -10.63
CA PHE F 29 2.89 -16.30 -9.54
C PHE F 29 3.24 -15.57 -8.26
N SER F 30 4.07 -14.54 -8.36
CA SER F 30 4.48 -13.74 -7.18
C SER F 30 3.31 -13.07 -6.47
N SER F 31 2.15 -12.98 -7.12
CA SER F 31 1.00 -12.35 -6.48
C SER F 31 0.15 -13.29 -5.69
N TYR F 32 0.50 -14.59 -5.64
CA TYR F 32 -0.36 -15.56 -4.98
C TYR F 32 0.29 -16.36 -3.89
N TYR F 33 -0.50 -16.60 -2.82
CA TYR F 33 -0.16 -17.50 -1.73
C TYR F 33 -0.23 -18.84 -2.44
N MET F 34 0.70 -19.74 -2.15
CA MET F 34 0.67 -21.03 -2.78
C MET F 34 0.61 -22.06 -1.71
N SER F 35 -0.06 -23.19 -1.98
CA SER F 35 -0.13 -24.27 -1.04
C SER F 35 -0.10 -25.63 -1.73
N TRP F 36 0.14 -26.69 -0.95
CA TRP F 36 0.15 -28.09 -1.41
C TRP F 36 -0.98 -28.78 -0.67
N VAL F 37 -1.76 -29.58 -1.40
CA VAL F 37 -2.85 -30.35 -0.82
C VAL F 37 -2.73 -31.78 -1.30
N ARG F 38 -2.98 -32.76 -0.42
CA ARG F 38 -2.92 -34.16 -0.83
C ARG F 38 -4.32 -34.79 -0.75
N GLN F 39 -4.60 -35.79 -1.59
CA GLN F 39 -5.90 -36.47 -1.62
C GLN F 39 -5.60 -37.96 -1.48
N ALA F 40 -5.75 -38.48 -0.26
CA ALA F 40 -5.50 -39.88 0.02
C ALA F 40 -6.66 -40.73 -0.51
N PRO F 41 -6.42 -41.96 -1.02
CA PRO F 41 -7.54 -42.76 -1.57
C PRO F 41 -8.55 -43.14 -0.51
N GLY F 42 -9.83 -42.82 -0.76
CA GLY F 42 -10.91 -43.12 0.17
C GLY F 42 -11.20 -42.00 1.16
N LYS F 43 -10.19 -41.19 1.44
CA LYS F 43 -10.31 -40.06 2.35
C LYS F 43 -10.59 -38.81 1.52
N GLY F 44 -10.94 -37.72 2.19
CA GLY F 44 -11.17 -36.43 1.55
C GLY F 44 -9.85 -35.69 1.33
N PRO F 45 -9.91 -34.47 0.76
CA PRO F 45 -8.67 -33.72 0.53
C PRO F 45 -8.10 -33.17 1.82
N GLU F 46 -6.77 -33.19 1.94
CA GLU F 46 -6.07 -32.70 3.12
C GLU F 46 -5.12 -31.60 2.73
N TRP F 47 -5.26 -30.40 3.35
CA TRP F 47 -4.33 -29.31 3.08
C TRP F 47 -3.06 -29.71 3.82
N VAL F 48 -1.89 -29.51 3.17
CA VAL F 48 -0.65 -29.98 3.75
C VAL F 48 0.31 -28.87 4.15
N SER F 49 0.52 -27.90 3.27
CA SER F 49 1.48 -26.84 3.51
C SER F 49 1.12 -25.61 2.71
N GLY F 50 1.58 -24.45 3.18
CA GLY F 50 1.32 -23.17 2.54
C GLY F 50 2.49 -22.22 2.68
N ILE F 51 2.57 -21.25 1.78
CA ILE F 51 3.67 -20.30 1.77
C ILE F 51 3.21 -18.97 1.20
N ASN F 52 3.59 -17.88 1.86
CA ASN F 52 3.20 -16.54 1.43
C ASN F 52 3.96 -16.06 0.24
N THR F 53 3.47 -15.01 -0.39
CA THR F 53 4.16 -14.44 -1.50
C THR F 53 5.35 -13.90 -0.81
N GLY F 54 6.53 -14.35 -1.16
CA GLY F 54 7.71 -13.87 -0.48
C GLY F 54 8.57 -15.05 -0.16
N GLY F 55 7.93 -16.16 0.12
CA GLY F 55 8.65 -17.38 0.40
C GLY F 55 9.28 -17.44 1.75
N VAL F 56 8.99 -16.49 2.62
CA VAL F 56 9.59 -16.55 3.95
C VAL F 56 8.61 -17.22 4.95
N GLY F 57 7.31 -16.87 4.82
CA GLY F 57 6.22 -17.26 5.70
C GLY F 57 5.47 -18.50 5.33
N THR F 58 5.86 -19.62 5.96
CA THR F 58 5.29 -20.94 5.74
C THR F 58 4.30 -21.34 6.84
N ARG F 59 3.40 -22.29 6.52
CA ARG F 59 2.38 -22.95 7.37
C ARG F 59 2.42 -24.43 7.05
N TYR F 60 2.25 -25.28 8.06
CA TYR F 60 2.20 -26.71 7.82
C TYR F 60 1.06 -27.34 8.62
N ALA F 61 0.46 -28.39 8.06
CA ALA F 61 -0.55 -29.17 8.75
C ALA F 61 0.21 -29.93 9.85
N ASP F 62 -0.44 -30.19 11.00
CA ASP F 62 0.18 -30.90 12.15
C ASP F 62 0.76 -32.27 11.77
N SER F 63 0.07 -32.99 10.89
CA SER F 63 0.46 -34.29 10.37
C SER F 63 1.81 -34.36 9.65
N VAL F 64 2.25 -33.24 9.05
CA VAL F 64 3.53 -33.23 8.33
C VAL F 64 4.58 -32.33 8.98
N LYS F 65 4.17 -31.43 9.93
CA LYS F 65 5.07 -30.49 10.64
C LYS F 65 6.34 -31.20 11.08
N GLY F 66 7.49 -30.71 10.60
CA GLY F 66 8.79 -31.28 10.91
C GLY F 66 9.39 -32.18 9.86
N ARG F 67 8.53 -32.80 9.01
CA ARG F 67 8.98 -33.71 7.96
C ARG F 67 8.95 -33.08 6.59
N PHE F 68 7.98 -32.17 6.37
CA PHE F 68 7.82 -31.46 5.09
C PHE F 68 8.25 -30.00 5.25
N THR F 69 8.74 -29.41 4.13
CA THR F 69 9.19 -28.03 4.05
C THR F 69 8.90 -27.46 2.66
N ILE F 70 7.98 -26.48 2.61
CA ILE F 70 7.56 -25.79 1.39
C ILE F 70 8.50 -24.61 1.09
N SER F 71 8.77 -24.38 -0.18
CA SER F 71 9.59 -23.26 -0.66
C SER F 71 9.06 -22.79 -2.02
N ARG F 72 9.40 -21.55 -2.41
CA ARG F 72 9.01 -21.02 -3.71
C ARG F 72 10.18 -20.29 -4.37
N ASP F 73 10.24 -20.31 -5.70
CA ASP F 73 11.25 -19.57 -6.44
C ASP F 73 10.47 -18.64 -7.33
N ASN F 74 10.28 -17.37 -6.88
CA ASN F 74 9.51 -16.39 -7.63
C ASN F 74 10.21 -15.98 -8.92
N ALA F 75 11.55 -16.18 -8.98
CA ALA F 75 12.33 -15.89 -10.17
C ALA F 75 12.12 -16.96 -11.22
N LYS F 76 11.77 -18.19 -10.82
CA LYS F 76 11.58 -19.34 -11.69
C LYS F 76 10.13 -19.80 -11.72
N ASN F 77 9.21 -19.06 -11.05
CA ASN F 77 7.77 -19.42 -10.96
C ASN F 77 7.53 -20.91 -10.64
N THR F 78 8.22 -21.40 -9.61
CA THR F 78 8.11 -22.78 -9.16
C THR F 78 7.87 -22.85 -7.68
N LEU F 79 7.12 -23.89 -7.26
CA LEU F 79 6.77 -24.18 -5.88
C LEU F 79 7.33 -25.56 -5.58
N TYR F 80 7.94 -25.71 -4.41
CA TYR F 80 8.52 -27.01 -4.05
C TYR F 80 8.00 -27.55 -2.71
N LEU F 81 8.13 -28.88 -2.51
CA LEU F 81 7.77 -29.58 -1.28
C LEU F 81 8.82 -30.64 -0.98
N GLN F 82 9.56 -30.47 0.11
CA GLN F 82 10.58 -31.43 0.50
C GLN F 82 9.94 -32.32 1.50
N MET F 83 9.73 -33.57 1.10
CA MET F 83 9.11 -34.58 1.93
C MET F 83 10.18 -35.52 2.44
N ASN F 84 10.50 -35.42 3.74
CA ASN F 84 11.50 -36.29 4.37
C ASN F 84 10.78 -37.23 5.32
N SER F 85 11.45 -38.35 5.71
CA SER F 85 10.93 -39.37 6.62
C SER F 85 9.46 -39.67 6.36
N LEU F 86 9.19 -40.28 5.21
CA LEU F 86 7.86 -40.58 4.74
C LEU F 86 7.25 -41.81 5.36
N LYS F 87 6.04 -41.63 5.90
CA LYS F 87 5.23 -42.67 6.53
C LYS F 87 4.25 -43.18 5.46
N PRO F 88 3.73 -44.43 5.50
CA PRO F 88 2.72 -44.85 4.50
C PRO F 88 1.45 -43.97 4.46
N GLU F 89 1.09 -43.32 5.59
CA GLU F 89 -0.06 -42.43 5.73
C GLU F 89 0.01 -41.22 4.75
N ASP F 90 1.13 -41.09 4.02
CA ASP F 90 1.41 -40.04 3.05
C ASP F 90 1.23 -40.48 1.59
N THR F 91 0.81 -41.74 1.37
CA THR F 91 0.53 -42.24 0.04
C THR F 91 -0.74 -41.55 -0.42
N ALA F 92 -0.55 -40.52 -1.24
CA ALA F 92 -1.66 -39.72 -1.73
C ALA F 92 -1.27 -39.06 -3.04
N LEU F 93 -2.26 -38.44 -3.73
CA LEU F 93 -2.01 -37.73 -4.96
C LEU F 93 -1.86 -36.27 -4.56
N TYR F 94 -0.65 -35.71 -4.74
CA TYR F 94 -0.32 -34.37 -4.30
C TYR F 94 -0.56 -33.29 -5.34
N TYR F 95 -1.46 -32.36 -5.01
CA TYR F 95 -1.83 -31.23 -5.83
C TYR F 95 -1.12 -30.00 -5.31
N CYS F 96 -0.73 -29.17 -6.24
CA CYS F 96 -0.09 -27.88 -6.05
C CYS F 96 -1.28 -26.95 -6.29
N ALA F 97 -1.65 -26.16 -5.27
CA ALA F 97 -2.84 -25.30 -5.35
C ALA F 97 -2.58 -23.80 -5.19
N ILE F 98 -3.18 -22.98 -6.09
CA ILE F 98 -3.11 -21.51 -6.06
C ILE F 98 -4.01 -21.01 -4.92
N GLY F 99 -3.42 -20.36 -3.94
CA GLY F 99 -4.14 -19.82 -2.80
C GLY F 99 -3.95 -20.63 -1.54
N GLU F 100 -5.05 -20.78 -0.80
CA GLU F 100 -5.06 -21.52 0.46
C GLU F 100 -5.46 -22.97 0.22
N GLY F 101 -5.83 -23.29 -1.04
CA GLY F 101 -6.19 -24.64 -1.49
C GLY F 101 -7.61 -25.02 -1.26
N GLY F 102 -8.44 -24.00 -1.04
CA GLY F 102 -9.87 -24.16 -0.81
C GLY F 102 -10.69 -24.36 -2.07
N ASN F 103 -10.05 -24.23 -3.26
CA ASN F 103 -10.75 -24.36 -4.54
C ASN F 103 -10.01 -25.29 -5.47
N ARG F 104 -10.61 -26.46 -5.78
CA ARG F 104 -10.06 -27.52 -6.65
C ARG F 104 -9.89 -27.09 -8.12
N ASN F 105 -10.56 -26.01 -8.54
CA ASN F 105 -10.43 -25.51 -9.91
C ASN F 105 -9.07 -24.90 -10.15
N TYR F 106 -8.46 -24.41 -9.06
CA TYR F 106 -7.17 -23.75 -9.07
C TYR F 106 -6.04 -24.67 -8.61
N TRP F 107 -6.18 -26.01 -8.90
CA TRP F 107 -5.18 -27.07 -8.67
C TRP F 107 -4.69 -27.57 -10.03
N GLY F 108 -3.56 -28.24 -10.05
CA GLY F 108 -3.02 -28.80 -11.28
C GLY F 108 -3.38 -30.25 -11.25
N GLN F 109 -3.00 -31.04 -12.28
CA GLN F 109 -3.32 -32.47 -12.19
C GLN F 109 -2.19 -33.07 -11.38
N GLY F 110 -2.53 -33.63 -10.21
CA GLY F 110 -1.60 -34.10 -9.19
C GLY F 110 -0.43 -34.99 -9.57
N THR F 111 0.56 -35.11 -8.66
CA THR F 111 1.70 -36.02 -8.82
C THR F 111 1.54 -37.15 -7.81
N GLN F 112 1.58 -38.41 -8.27
CA GLN F 112 1.34 -39.53 -7.38
C GLN F 112 2.55 -39.86 -6.50
N VAL F 113 2.30 -39.98 -5.18
CA VAL F 113 3.30 -40.36 -4.18
C VAL F 113 2.81 -41.64 -3.49
N THR F 114 3.64 -42.69 -3.52
CA THR F 114 3.34 -43.98 -2.90
C THR F 114 4.51 -44.48 -2.05
N VAL F 115 4.37 -44.38 -0.73
CA VAL F 115 5.37 -44.85 0.24
C VAL F 115 5.01 -46.29 0.71
N SER F 116 5.70 -47.31 0.14
CA SER F 116 5.44 -48.72 0.41
C SER F 116 6.71 -49.58 0.47
N SER F 117 6.55 -50.84 0.96
CA SER F 117 7.58 -51.88 1.11
C SER F 117 7.29 -53.11 0.23
N GLN G 1 13.61 -20.88 -1.43
CA GLN G 1 14.28 -21.81 -0.49
C GLN G 1 15.25 -21.03 0.39
N VAL G 2 14.68 -20.54 1.50
CA VAL G 2 15.24 -19.64 2.50
C VAL G 2 16.44 -20.18 3.25
N GLN G 3 17.54 -19.42 3.24
CA GLN G 3 18.77 -19.78 3.92
C GLN G 3 19.45 -18.59 4.54
N LEU G 4 19.89 -18.74 5.80
CA LEU G 4 20.61 -17.72 6.57
C LEU G 4 21.86 -18.42 7.07
N GLN G 5 23.04 -17.88 6.72
CA GLN G 5 24.31 -18.49 7.11
C GLN G 5 25.18 -17.58 7.94
N GLU G 6 25.11 -17.76 9.26
CA GLU G 6 25.90 -17.02 10.23
C GLU G 6 27.34 -17.49 10.21
N SER G 7 28.27 -16.55 10.43
CA SER G 7 29.72 -16.77 10.48
C SER G 7 30.38 -15.64 11.26
N GLY G 8 31.65 -15.79 11.59
CA GLY G 8 32.38 -14.76 12.32
C GLY G 8 32.47 -14.95 13.82
N GLY G 9 32.02 -16.10 14.30
CA GLY G 9 32.07 -16.41 15.72
C GLY G 9 33.44 -16.90 16.15
N GLY G 10 33.53 -17.39 17.37
CA GLY G 10 34.78 -17.92 17.90
C GLY G 10 35.06 -17.61 19.35
N LEU G 11 36.28 -17.93 19.78
CA LEU G 11 36.75 -17.70 21.15
C LEU G 11 37.46 -16.35 21.26
N VAL G 12 36.89 -15.45 22.09
CA VAL G 12 37.43 -14.11 22.31
C VAL G 12 37.68 -13.88 23.81
N GLN G 13 38.73 -13.12 24.15
CA GLN G 13 39.04 -12.79 25.55
C GLN G 13 38.18 -11.58 25.94
N PRO G 14 37.77 -11.42 27.24
CA PRO G 14 36.92 -10.27 27.61
C PRO G 14 37.55 -8.93 27.24
N GLY G 15 36.72 -8.05 26.69
CA GLY G 15 37.17 -6.74 26.22
C GLY G 15 37.44 -6.74 24.73
N GLY G 16 37.62 -7.94 24.17
CA GLY G 16 37.86 -8.16 22.74
C GLY G 16 36.69 -7.83 21.84
N SER G 17 36.87 -8.03 20.52
CA SER G 17 35.85 -7.73 19.52
C SER G 17 35.65 -8.88 18.53
N LEU G 18 34.48 -8.92 17.89
CA LEU G 18 34.10 -9.90 16.88
C LEU G 18 33.08 -9.30 15.92
N ARG G 19 33.09 -9.74 14.65
CA ARG G 19 32.12 -9.28 13.66
C ARG G 19 31.38 -10.46 13.01
N LEU G 20 30.13 -10.66 13.44
CA LEU G 20 29.29 -11.70 12.89
C LEU G 20 28.74 -11.28 11.55
N SER G 21 28.60 -12.24 10.66
CA SER G 21 28.08 -12.04 9.33
C SER G 21 27.06 -13.10 9.04
N CYS G 22 25.95 -12.71 8.47
CA CYS G 22 24.88 -13.63 8.13
C CYS G 22 24.54 -13.41 6.69
N ALA G 23 24.73 -14.43 5.86
CA ALA G 23 24.49 -14.33 4.44
C ALA G 23 23.18 -14.95 4.06
N ALA G 24 22.24 -14.08 3.70
CA ALA G 24 20.87 -14.43 3.32
C ALA G 24 20.72 -14.71 1.84
N SER G 25 19.92 -15.73 1.53
CA SER G 25 19.59 -16.18 0.16
C SER G 25 18.21 -16.80 0.11
N GLY G 26 17.64 -16.90 -1.08
CA GLY G 26 16.34 -17.55 -1.27
C GLY G 26 15.10 -16.71 -1.01
N PHE G 27 15.29 -15.41 -0.76
CA PHE G 27 14.23 -14.43 -0.56
C PHE G 27 14.82 -13.06 -0.82
N THR G 28 13.98 -12.07 -1.17
CA THR G 28 14.51 -10.73 -1.43
C THR G 28 14.76 -10.03 -0.05
N PHE G 29 16.02 -10.08 0.37
CA PHE G 29 16.54 -9.61 1.65
C PHE G 29 16.18 -8.18 1.92
N SER G 30 16.41 -7.32 0.91
CA SER G 30 16.12 -5.90 0.95
C SER G 30 14.65 -5.59 1.39
N SER G 31 13.72 -6.56 1.32
CA SER G 31 12.32 -6.38 1.70
C SER G 31 11.99 -6.74 3.15
N TYR G 32 12.96 -7.17 3.95
CA TYR G 32 12.66 -7.63 5.31
C TYR G 32 13.41 -6.94 6.43
N TYR G 33 12.74 -6.72 7.60
CA TYR G 33 13.36 -6.23 8.83
C TYR G 33 14.23 -7.42 9.22
N MET G 34 15.43 -7.20 9.70
CA MET G 34 16.29 -8.28 10.12
C MET G 34 16.71 -8.03 11.56
N SER G 35 16.94 -9.09 12.32
CA SER G 35 17.40 -8.94 13.69
C SER G 35 18.37 -10.07 14.09
N TRP G 36 19.07 -9.90 15.23
CA TRP G 36 20.01 -10.86 15.79
C TRP G 36 19.49 -11.25 17.16
N VAL G 37 19.52 -12.56 17.47
CA VAL G 37 19.08 -13.09 18.77
C VAL G 37 20.15 -14.03 19.31
N ARG G 38 20.37 -14.02 20.63
CA ARG G 38 21.34 -14.90 21.27
C ARG G 38 20.61 -15.82 22.21
N GLN G 39 21.11 -17.05 22.35
CA GLN G 39 20.53 -18.09 23.20
C GLN G 39 21.66 -18.53 24.11
N ALA G 40 21.66 -18.05 25.37
CA ALA G 40 22.69 -18.43 26.33
C ALA G 40 22.43 -19.86 26.83
N PRO G 41 23.45 -20.70 27.09
CA PRO G 41 23.17 -22.08 27.52
C PRO G 41 22.48 -22.13 28.88
N GLY G 42 21.34 -22.82 28.92
CA GLY G 42 20.54 -22.95 30.14
C GLY G 42 19.45 -21.90 30.27
N LYS G 43 19.72 -20.71 29.73
CA LYS G 43 18.78 -19.58 29.73
C LYS G 43 17.90 -19.64 28.47
N GLY G 44 16.88 -18.79 28.43
CA GLY G 44 15.98 -18.67 27.29
C GLY G 44 16.56 -17.76 26.22
N PRO G 45 15.83 -17.58 25.09
CA PRO G 45 16.37 -16.73 24.01
C PRO G 45 16.28 -15.26 24.35
N GLU G 46 17.29 -14.50 23.92
CA GLU G 46 17.38 -13.07 24.14
C GLU G 46 17.52 -12.33 22.81
N TRP G 47 16.58 -11.39 22.52
CA TRP G 47 16.68 -10.57 21.32
C TRP G 47 17.79 -9.57 21.60
N VAL G 48 18.65 -9.33 20.60
CA VAL G 48 19.84 -8.51 20.77
C VAL G 48 19.79 -7.18 19.99
N SER G 49 19.49 -7.27 18.70
CA SER G 49 19.52 -6.10 17.85
C SER G 49 18.59 -6.26 16.66
N GLY G 50 18.15 -5.16 16.08
CA GLY G 50 17.27 -5.14 14.92
C GLY G 50 17.60 -4.01 13.98
N ILE G 51 17.34 -4.19 12.67
CA ILE G 51 17.60 -3.19 11.62
C ILE G 51 16.51 -3.22 10.55
N ASN G 52 15.93 -2.05 10.22
CA ASN G 52 14.88 -1.94 9.22
C ASN G 52 15.44 -2.14 7.82
N THR G 53 14.57 -2.27 6.82
CA THR G 53 15.01 -2.38 5.42
C THR G 53 15.45 -0.95 5.11
N GLY G 54 16.44 -0.78 4.26
CA GLY G 54 16.83 0.60 4.03
C GLY G 54 18.03 0.95 4.85
N GLY G 55 18.17 0.28 6.00
CA GLY G 55 19.34 0.25 6.86
C GLY G 55 19.65 1.40 7.76
N VAL G 56 18.73 2.38 7.91
CA VAL G 56 19.02 3.52 8.80
C VAL G 56 18.56 3.27 10.26
N GLY G 57 17.38 2.65 10.42
CA GLY G 57 16.72 2.39 11.68
C GLY G 57 17.09 1.14 12.47
N THR G 58 18.01 1.34 13.42
CA THR G 58 18.48 0.28 14.30
C THR G 58 17.83 0.36 15.67
N ARG G 59 17.75 -0.81 16.33
CA ARG G 59 17.23 -1.05 17.69
C ARG G 59 18.24 -1.94 18.39
N TYR G 60 18.47 -1.70 19.69
CA TYR G 60 19.36 -2.58 20.45
C TYR G 60 18.75 -2.89 21.80
N ALA G 61 19.03 -4.10 22.30
CA ALA G 61 18.64 -4.50 23.64
C ALA G 61 19.50 -3.66 24.61
N ASP G 62 18.95 -3.27 25.77
CA ASP G 62 19.66 -2.46 26.75
C ASP G 62 21.01 -3.07 27.18
N SER G 63 21.05 -4.41 27.31
CA SER G 63 22.25 -5.19 27.69
C SER G 63 23.43 -5.03 26.71
N VAL G 64 23.13 -4.68 25.44
CA VAL G 64 24.13 -4.57 24.39
C VAL G 64 24.31 -3.14 23.84
N LYS G 65 23.40 -2.20 24.19
CA LYS G 65 23.44 -0.80 23.74
C LYS G 65 24.79 -0.16 24.02
N GLY G 66 25.44 0.32 22.96
CA GLY G 66 26.73 0.98 23.07
C GLY G 66 27.93 0.15 22.68
N ARG G 67 27.80 -1.18 22.78
CA ARG G 67 28.89 -2.11 22.47
C ARG G 67 28.69 -2.80 21.13
N PHE G 68 27.41 -3.07 20.77
CA PHE G 68 27.05 -3.74 19.54
C PHE G 68 26.46 -2.74 18.55
N THR G 69 26.65 -3.04 17.24
CA THR G 69 26.18 -2.21 16.13
C THR G 69 25.81 -3.09 14.97
N ILE G 70 24.48 -3.13 14.67
CA ILE G 70 23.89 -3.90 13.55
C ILE G 70 23.99 -3.05 12.27
N SER G 71 24.25 -3.71 11.14
CA SER G 71 24.33 -3.09 9.83
C SER G 71 23.87 -4.09 8.79
N ARG G 72 23.54 -3.58 7.61
CA ARG G 72 23.12 -4.44 6.51
C ARG G 72 23.62 -3.91 5.15
N ASP G 73 24.09 -4.83 4.30
CA ASP G 73 24.47 -4.52 2.94
C ASP G 73 23.39 -5.17 2.06
N ASN G 74 22.36 -4.37 1.69
CA ASN G 74 21.30 -4.90 0.86
C ASN G 74 21.87 -5.28 -0.52
N ALA G 75 23.07 -4.73 -0.86
CA ALA G 75 23.74 -5.09 -2.11
C ALA G 75 24.41 -6.48 -2.01
N LYS G 76 25.12 -6.79 -0.91
CA LYS G 76 25.75 -8.11 -0.68
C LYS G 76 24.79 -9.08 0.06
N ASN G 77 23.49 -8.69 0.22
CA ASN G 77 22.44 -9.43 0.91
C ASN G 77 22.98 -10.12 2.18
N THR G 78 23.73 -9.34 3.00
CA THR G 78 24.32 -9.75 4.29
C THR G 78 23.88 -8.82 5.42
N LEU G 79 23.87 -9.38 6.63
CA LEU G 79 23.53 -8.70 7.87
C LEU G 79 24.74 -8.86 8.76
N TYR G 80 25.12 -7.79 9.45
CA TYR G 80 26.29 -7.85 10.31
C TYR G 80 25.99 -7.42 11.74
N LEU G 81 26.86 -7.85 12.66
CA LEU G 81 26.81 -7.47 14.07
C LEU G 81 28.23 -7.23 14.57
N GLN G 82 28.52 -5.96 14.89
CA GLN G 82 29.84 -5.61 15.37
C GLN G 82 29.76 -5.63 16.86
N MET G 83 30.42 -6.60 17.46
CA MET G 83 30.44 -6.79 18.88
C MET G 83 31.78 -6.30 19.40
N ASN G 84 31.76 -5.15 20.09
CA ASN G 84 32.98 -4.60 20.70
C ASN G 84 32.86 -4.71 22.20
N SER G 85 34.01 -4.64 22.92
CA SER G 85 34.10 -4.74 24.38
C SER G 85 33.16 -5.83 24.92
N LEU G 86 33.52 -7.08 24.64
CA LEU G 86 32.75 -8.26 25.00
C LEU G 86 32.94 -8.69 26.46
N LYS G 87 31.80 -8.83 27.18
CA LYS G 87 31.69 -9.24 28.59
C LYS G 87 31.37 -10.73 28.63
N PRO G 88 31.71 -11.49 29.71
CA PRO G 88 31.33 -12.92 29.76
C PRO G 88 29.81 -13.19 29.65
N GLU G 89 28.96 -12.20 30.03
CA GLU G 89 27.49 -12.28 29.97
C GLU G 89 26.94 -12.49 28.54
N ASP G 90 27.79 -12.30 27.51
CA ASP G 90 27.43 -12.42 26.08
C ASP G 90 27.74 -13.80 25.48
N THR G 91 28.21 -14.76 26.31
CA THR G 91 28.56 -16.10 25.86
C THR G 91 27.29 -16.89 25.52
N ALA G 92 26.91 -16.83 24.24
CA ALA G 92 25.71 -17.48 23.72
C ALA G 92 25.91 -17.99 22.28
N LEU G 93 24.83 -18.49 21.67
CA LEU G 93 24.80 -18.94 20.28
C LEU G 93 24.04 -17.81 19.57
N TYR G 94 24.69 -17.15 18.59
CA TYR G 94 24.07 -16.03 17.91
C TYR G 94 23.38 -16.41 16.61
N TYR G 95 22.06 -16.23 16.61
CA TYR G 95 21.19 -16.49 15.48
C TYR G 95 20.86 -15.18 14.80
N CYS G 96 20.79 -15.25 13.50
CA CYS G 96 20.45 -14.19 12.59
C CYS G 96 19.02 -14.55 12.23
N ALA G 97 18.08 -13.60 12.38
CA ALA G 97 16.67 -13.88 12.16
C ALA G 97 15.95 -12.93 11.22
N ILE G 98 15.04 -13.48 10.39
CA ILE G 98 14.18 -12.65 9.52
C ILE G 98 13.07 -12.13 10.42
N GLY G 99 12.87 -10.83 10.36
CA GLY G 99 11.84 -10.17 11.13
C GLY G 99 12.33 -9.65 12.45
N GLU G 100 11.51 -9.84 13.48
CA GLU G 100 11.79 -9.36 14.84
C GLU G 100 12.45 -10.44 15.71
N GLY G 101 12.54 -11.66 15.17
CA GLY G 101 13.16 -12.81 15.82
C GLY G 101 12.32 -13.48 16.90
N GLY G 102 11.02 -13.27 16.87
CA GLY G 102 10.11 -13.88 17.84
C GLY G 102 9.70 -15.31 17.55
N ASN G 103 10.19 -15.90 16.47
CA ASN G 103 9.82 -17.26 16.07
C ASN G 103 11.05 -17.93 15.52
N ARG G 104 11.42 -19.07 16.15
CA ARG G 104 12.60 -19.91 15.89
C ARG G 104 12.71 -20.44 14.45
N ASN G 105 11.57 -20.54 13.74
CA ASN G 105 11.52 -20.99 12.34
C ASN G 105 12.18 -19.97 11.42
N TYR G 106 12.26 -18.70 11.88
CA TYR G 106 12.81 -17.54 11.16
C TYR G 106 14.29 -17.26 11.47
N TRP G 107 15.03 -18.27 12.05
CA TRP G 107 16.46 -18.16 12.41
C TRP G 107 17.28 -19.14 11.60
N GLY G 108 18.57 -18.83 11.44
CA GLY G 108 19.50 -19.74 10.77
C GLY G 108 20.13 -20.70 11.78
N GLN G 109 21.12 -21.50 11.34
CA GLN G 109 21.82 -22.38 12.26
C GLN G 109 22.93 -21.48 12.84
N GLY G 110 22.71 -20.99 14.05
CA GLY G 110 23.56 -20.01 14.73
C GLY G 110 25.05 -20.28 14.84
N THR G 111 25.85 -19.20 14.90
CA THR G 111 27.30 -19.24 15.10
C THR G 111 27.62 -19.13 16.61
N GLN G 112 28.68 -19.83 17.08
CA GLN G 112 29.05 -19.83 18.50
C GLN G 112 30.07 -18.74 18.86
N VAL G 113 29.78 -17.97 19.94
CA VAL G 113 30.63 -16.92 20.50
C VAL G 113 30.88 -17.20 21.97
N THR G 114 32.16 -17.41 22.30
CA THR G 114 32.58 -17.68 23.67
C THR G 114 33.55 -16.60 24.16
N VAL G 115 33.18 -15.86 25.23
CA VAL G 115 34.02 -14.79 25.81
C VAL G 115 34.49 -15.17 27.25
N SER G 116 35.74 -15.70 27.35
CA SER G 116 36.37 -16.15 28.59
C SER G 116 37.88 -15.90 28.62
N GLN H 1 29.08 2.73 8.20
CA GLN H 1 28.26 2.30 7.08
C GLN H 1 27.44 3.50 6.61
N VAL H 2 26.39 3.93 7.37
CA VAL H 2 25.62 5.14 7.03
C VAL H 2 26.54 6.36 7.10
N GLN H 3 26.61 7.14 6.01
CA GLN H 3 27.48 8.31 5.91
C GLN H 3 26.84 9.45 5.17
N LEU H 4 26.98 10.67 5.72
CA LEU H 4 26.49 11.91 5.13
C LEU H 4 27.66 12.88 5.11
N GLN H 5 28.02 13.37 3.91
CA GLN H 5 29.16 14.26 3.77
C GLN H 5 28.80 15.60 3.16
N GLU H 6 28.59 16.60 4.04
CA GLU H 6 28.25 17.96 3.65
C GLU H 6 29.48 18.65 3.08
N SER H 7 29.26 19.54 2.11
CA SER H 7 30.28 20.37 1.43
C SER H 7 29.59 21.59 0.80
N GLY H 8 30.38 22.57 0.36
CA GLY H 8 29.82 23.74 -0.28
C GLY H 8 29.68 24.98 0.60
N GLY H 9 30.15 24.89 1.84
CA GLY H 9 30.10 26.00 2.76
C GLY H 9 31.22 27.01 2.52
N GLY H 10 31.37 27.93 3.47
CA GLY H 10 32.40 28.95 3.42
C GLY H 10 31.96 30.33 3.85
N LEU H 11 32.84 31.33 3.57
CA LEU H 11 32.60 32.73 3.90
C LEU H 11 31.92 33.45 2.73
N VAL H 12 30.73 33.98 2.99
CA VAL H 12 29.94 34.71 2.00
C VAL H 12 29.58 36.09 2.53
N GLN H 13 29.54 37.09 1.64
CA GLN H 13 29.18 38.46 1.99
C GLN H 13 27.63 38.56 2.01
N PRO H 14 27.00 39.44 2.83
CA PRO H 14 25.53 39.49 2.84
C PRO H 14 24.93 39.80 1.46
N GLY H 15 23.88 39.09 1.11
CA GLY H 15 23.24 39.20 -0.20
C GLY H 15 23.74 38.15 -1.16
N GLY H 16 24.91 37.57 -0.87
CA GLY H 16 25.54 36.52 -1.66
C GLY H 16 24.82 35.20 -1.69
N SER H 17 25.39 34.20 -2.39
CA SER H 17 24.80 32.86 -2.54
C SER H 17 25.80 31.74 -2.29
N LEU H 18 25.28 30.55 -1.96
CA LEU H 18 26.06 29.33 -1.69
C LEU H 18 25.22 28.11 -2.03
N ARG H 19 25.86 27.02 -2.47
CA ARG H 19 25.17 25.75 -2.76
C ARG H 19 25.81 24.60 -1.99
N LEU H 20 25.15 24.23 -0.90
CA LEU H 20 25.53 23.13 -0.04
C LEU H 20 25.21 21.80 -0.71
N SER H 21 26.11 20.81 -0.58
CA SER H 21 25.94 19.46 -1.13
C SER H 21 26.22 18.43 -0.06
N CYS H 22 25.40 17.41 0.01
CA CYS H 22 25.55 16.37 1.00
C CYS H 22 25.51 15.06 0.27
N ALA H 23 26.60 14.28 0.36
CA ALA H 23 26.72 13.01 -0.34
C ALA H 23 26.49 11.84 0.60
N ALA H 24 25.33 11.20 0.40
CA ALA H 24 24.87 10.08 1.21
C ALA H 24 25.34 8.71 0.69
N SER H 25 25.66 7.81 1.62
CA SER H 25 26.10 6.45 1.35
C SER H 25 25.73 5.53 2.50
N GLY H 26 25.73 4.22 2.23
CA GLY H 26 25.49 3.21 3.26
C GLY H 26 24.05 2.91 3.63
N PHE H 27 23.10 3.48 2.89
CA PHE H 27 21.66 3.27 3.05
C PHE H 27 20.98 3.61 1.74
N THR H 28 19.77 3.09 1.51
CA THR H 28 19.09 3.37 0.25
C THR H 28 18.50 4.83 0.34
N PHE H 29 19.30 5.78 -0.17
CA PHE H 29 19.05 7.22 -0.14
C PHE H 29 17.70 7.58 -0.66
N SER H 30 17.35 6.97 -1.81
CA SER H 30 16.09 7.15 -2.54
C SER H 30 14.85 6.85 -1.66
N SER H 31 14.96 6.04 -0.57
CA SER H 31 13.83 5.66 0.28
C SER H 31 13.57 6.54 1.47
N TYR H 32 14.33 7.65 1.62
CA TYR H 32 14.18 8.49 2.81
C TYR H 32 13.88 9.92 2.51
N TYR H 33 12.99 10.54 3.34
CA TYR H 33 12.73 11.97 3.31
C TYR H 33 14.06 12.55 3.78
N MET H 34 14.52 13.63 3.17
CA MET H 34 15.78 14.22 3.61
C MET H 34 15.51 15.65 4.01
N SER H 35 16.27 16.16 4.96
CA SER H 35 16.13 17.54 5.37
C SER H 35 17.49 18.17 5.75
N TRP H 36 17.52 19.52 5.85
CA TRP H 36 18.70 20.28 6.24
C TRP H 36 18.34 20.98 7.55
N VAL H 37 19.27 20.95 8.52
CA VAL H 37 19.08 21.60 9.81
C VAL H 37 20.32 22.43 10.11
N ARG H 38 20.13 23.63 10.66
CA ARG H 38 21.28 24.46 10.99
C ARG H 38 21.38 24.64 12.51
N GLN H 39 22.59 24.85 13.04
CA GLN H 39 22.83 25.02 14.46
C GLN H 39 23.61 26.32 14.62
N ALA H 40 22.90 27.38 14.98
CA ALA H 40 23.52 28.69 15.16
C ALA H 40 24.27 28.76 16.49
N PRO H 41 25.40 29.48 16.58
CA PRO H 41 26.13 29.53 17.88
C PRO H 41 25.31 30.22 18.97
N GLY H 42 25.15 29.52 20.09
CA GLY H 42 24.40 30.01 21.24
C GLY H 42 22.94 29.60 21.23
N LYS H 43 22.40 29.41 20.03
CA LYS H 43 21.02 29.01 19.83
C LYS H 43 20.94 27.47 19.72
N GLY H 44 19.73 26.93 19.73
CA GLY H 44 19.46 25.51 19.58
C GLY H 44 19.39 25.15 18.11
N PRO H 45 19.15 23.85 17.77
CA PRO H 45 19.10 23.43 16.35
C PRO H 45 17.82 23.89 15.70
N GLU H 46 17.93 24.41 14.46
CA GLU H 46 16.83 24.95 13.67
C GLU H 46 16.63 24.12 12.42
N TRP H 47 15.41 23.58 12.22
CA TRP H 47 15.14 22.84 11.00
C TRP H 47 15.01 23.91 9.91
N VAL H 48 15.57 23.64 8.73
CA VAL H 48 15.62 24.64 7.66
C VAL H 48 14.78 24.27 6.43
N SER H 49 14.96 23.06 5.93
CA SER H 49 14.28 22.65 4.73
C SER H 49 14.12 21.14 4.69
N GLY H 50 13.12 20.65 3.95
CA GLY H 50 12.85 19.23 3.81
C GLY H 50 12.39 18.90 2.41
N ILE H 51 12.65 17.66 1.95
CA ILE H 51 12.25 17.15 0.63
C ILE H 51 11.79 15.70 0.70
N ASN H 52 10.63 15.36 0.10
CA ASN H 52 10.19 13.96 0.17
C ASN H 52 10.98 13.11 -0.82
N THR H 53 10.87 11.79 -0.77
CA THR H 53 11.61 10.96 -1.71
C THR H 53 11.07 11.29 -3.07
N GLY H 54 11.89 11.22 -4.08
CA GLY H 54 11.28 11.52 -5.39
C GLY H 54 11.50 12.94 -5.81
N GLY H 55 11.62 13.82 -4.82
CA GLY H 55 11.99 15.19 -5.00
C GLY H 55 10.97 16.17 -5.48
N VAL H 56 9.67 15.87 -5.33
CA VAL H 56 8.59 16.81 -5.70
C VAL H 56 8.18 17.73 -4.50
N GLY H 57 8.00 17.11 -3.33
CA GLY H 57 7.53 17.79 -2.15
C GLY H 57 8.56 18.41 -1.24
N THR H 58 8.68 19.73 -1.39
CA THR H 58 9.58 20.53 -0.55
C THR H 58 8.81 21.31 0.52
N ARG H 59 9.49 21.55 1.64
CA ARG H 59 9.05 22.29 2.84
C ARG H 59 10.17 23.21 3.22
N TYR H 60 9.84 24.42 3.68
CA TYR H 60 10.87 25.34 4.14
C TYR H 60 10.43 26.00 5.44
N ALA H 61 11.39 26.30 6.30
CA ALA H 61 11.15 27.05 7.52
C ALA H 61 10.79 28.48 7.06
N ASP H 62 9.90 29.18 7.79
CA ASP H 62 9.49 30.56 7.43
C ASP H 62 10.67 31.52 7.29
N SER H 63 11.70 31.35 8.14
CA SER H 63 12.93 32.14 8.13
C SER H 63 13.74 32.07 6.82
N VAL H 64 13.63 30.97 6.05
CA VAL H 64 14.36 30.80 4.78
C VAL H 64 13.44 30.82 3.53
N LYS H 65 12.10 30.68 3.72
CA LYS H 65 11.13 30.62 2.63
C LYS H 65 11.36 31.71 1.63
N GLY H 66 11.61 31.29 0.39
CA GLY H 66 11.86 32.20 -0.73
C GLY H 66 13.31 32.46 -1.08
N ARG H 67 14.23 32.19 -0.13
CA ARG H 67 15.66 32.39 -0.34
C ARG H 67 16.39 31.08 -0.56
N PHE H 68 15.92 30.00 0.10
CA PHE H 68 16.53 28.67 0.02
C PHE H 68 15.69 27.74 -0.81
N THR H 69 16.38 26.76 -1.46
CA THR H 69 15.76 25.76 -2.35
C THR H 69 16.46 24.40 -2.23
N ILE H 70 15.75 23.43 -1.62
CA ILE H 70 16.21 22.06 -1.44
C ILE H 70 15.92 21.24 -2.71
N SER H 71 16.84 20.33 -3.08
CA SER H 71 16.71 19.42 -4.20
C SER H 71 17.46 18.14 -3.90
N ARG H 72 17.23 17.07 -4.68
CA ARG H 72 17.96 15.82 -4.50
C ARG H 72 18.21 15.14 -5.82
N ASP H 73 19.31 14.39 -5.91
CA ASP H 73 19.63 13.57 -7.08
C ASP H 73 19.71 12.14 -6.57
N ASN H 74 18.61 11.38 -6.71
CA ASN H 74 18.61 10.03 -6.18
C ASN H 74 19.55 9.10 -6.95
N ALA H 75 19.91 9.48 -8.19
CA ALA H 75 20.84 8.72 -9.02
C ALA H 75 22.27 8.92 -8.53
N LYS H 76 22.55 10.11 -7.93
CA LYS H 76 23.87 10.47 -7.42
C LYS H 76 23.92 10.47 -5.89
N ASN H 77 22.81 10.05 -5.23
CA ASN H 77 22.68 9.99 -3.77
C ASN H 77 23.20 11.27 -3.12
N THR H 78 22.73 12.42 -3.62
CA THR H 78 23.14 13.74 -3.12
C THR H 78 21.93 14.60 -2.86
N LEU H 79 22.05 15.43 -1.85
CA LEU H 79 21.03 16.37 -1.40
C LEU H 79 21.65 17.72 -1.51
N TYR H 80 20.90 18.70 -2.01
CA TYR H 80 21.43 20.05 -2.19
C TYR H 80 20.61 21.10 -1.50
N LEU H 81 21.22 22.26 -1.22
CA LEU H 81 20.56 23.42 -0.65
C LEU H 81 21.10 24.69 -1.33
N GLN H 82 20.23 25.37 -2.08
CA GLN H 82 20.62 26.59 -2.76
C GLN H 82 20.22 27.72 -1.85
N MET H 83 21.22 28.38 -1.31
CA MET H 83 21.04 29.48 -0.40
C MET H 83 21.32 30.76 -1.14
N ASN H 84 20.27 31.54 -1.45
CA ASN H 84 20.41 32.81 -2.14
C ASN H 84 20.08 33.92 -1.16
N SER H 85 20.52 35.17 -1.47
CA SER H 85 20.31 36.37 -0.67
C SER H 85 20.49 36.08 0.83
N LEU H 86 21.75 35.81 1.21
CA LEU H 86 22.11 35.45 2.57
C LEU H 86 22.21 36.64 3.53
N LYS H 87 21.50 36.52 4.66
CA LYS H 87 21.45 37.47 5.76
C LYS H 87 22.45 36.97 6.82
N PRO H 88 23.04 37.82 7.69
CA PRO H 88 23.96 37.29 8.75
C PRO H 88 23.36 36.20 9.67
N GLU H 89 22.02 36.20 9.87
CA GLU H 89 21.27 35.23 10.69
C GLU H 89 21.28 33.80 10.12
N ASP H 90 21.98 33.64 9.00
CA ASP H 90 22.14 32.34 8.38
C ASP H 90 23.46 31.73 8.84
N THR H 91 24.31 32.49 9.55
CA THR H 91 25.59 31.96 10.01
C THR H 91 25.37 30.86 10.99
N ALA H 92 25.64 29.64 10.54
CA ALA H 92 25.49 28.42 11.33
C ALA H 92 26.17 27.25 10.65
N LEU H 93 26.25 26.14 11.39
CA LEU H 93 26.79 24.89 10.92
C LEU H 93 25.59 24.18 10.32
N TYR H 94 25.68 23.80 9.05
CA TYR H 94 24.55 23.19 8.38
C TYR H 94 24.73 21.71 8.29
N TYR H 95 23.82 20.98 8.93
CA TYR H 95 23.76 19.55 8.92
C TYR H 95 22.75 19.11 7.90
N CYS H 96 23.08 18.02 7.26
CA CYS H 96 22.29 17.33 6.28
C CYS H 96 21.76 16.18 7.10
N ALA H 97 20.44 15.97 7.11
CA ALA H 97 19.81 14.96 7.95
C ALA H 97 18.87 13.99 7.27
N ILE H 98 18.91 12.72 7.73
CA ILE H 98 17.99 11.71 7.27
C ILE H 98 16.69 11.92 8.01
N GLY H 99 15.59 11.98 7.26
CA GLY H 99 14.26 12.13 7.80
C GLY H 99 13.82 13.56 7.91
N GLU H 100 13.15 13.88 9.00
CA GLU H 100 12.63 15.20 9.28
C GLU H 100 13.64 16.04 10.09
N GLY H 101 14.78 15.43 10.45
CA GLY H 101 15.87 16.06 11.19
C GLY H 101 15.68 16.03 12.69
N GLY H 102 14.77 15.19 13.14
CA GLY H 102 14.47 15.05 14.56
C GLY H 102 15.30 14.00 15.25
N ASN H 103 16.40 13.55 14.63
CA ASN H 103 17.32 12.57 15.22
C ASN H 103 18.73 12.96 14.82
N ARG H 104 19.50 13.47 15.81
CA ARG H 104 20.88 13.94 15.69
C ARG H 104 21.85 12.86 15.22
N ASN H 105 21.56 11.58 15.51
CA ASN H 105 22.44 10.47 15.12
C ASN H 105 22.51 10.33 13.61
N TYR H 106 21.46 10.80 12.95
CA TYR H 106 21.33 10.69 11.53
C TYR H 106 21.57 12.03 10.82
N TRP H 107 22.51 12.84 11.33
CA TRP H 107 23.00 14.07 10.72
C TRP H 107 24.47 13.83 10.40
N GLY H 108 25.00 14.61 9.46
CA GLY H 108 26.42 14.58 9.12
C GLY H 108 27.27 15.35 10.12
N GLN H 109 28.40 15.85 9.68
CA GLN H 109 29.24 16.60 10.58
C GLN H 109 29.12 18.08 10.34
N GLY H 110 28.19 18.47 9.48
CA GLY H 110 27.95 19.87 9.21
C GLY H 110 28.94 20.60 8.31
N THR H 111 28.44 21.64 7.68
CA THR H 111 29.27 22.45 6.83
C THR H 111 29.10 23.84 7.37
N GLN H 112 30.20 24.58 7.47
CA GLN H 112 30.15 25.92 8.01
C GLN H 112 29.77 26.94 6.98
N VAL H 113 28.91 27.85 7.37
CA VAL H 113 28.47 28.91 6.51
C VAL H 113 28.45 30.16 7.33
N THR H 114 29.34 31.08 6.98
CA THR H 114 29.51 32.34 7.68
C THR H 114 29.22 33.51 6.73
N VAL H 115 28.24 34.35 7.07
CA VAL H 115 27.86 35.50 6.25
C VAL H 115 28.17 36.77 7.07
N SER H 116 29.15 37.57 6.59
CA SER H 116 29.63 38.80 7.22
C SER H 116 30.30 39.76 6.21
N SER H 117 30.58 41.02 6.67
CA SER H 117 31.26 42.09 5.94
C SER H 117 32.60 42.45 6.62
N GLN I 1 16.97 18.54 -11.15
CA GLN I 1 15.75 18.93 -10.42
C GLN I 1 14.44 18.67 -11.17
N VAL I 2 13.32 18.93 -10.49
CA VAL I 2 12.00 18.78 -11.09
C VAL I 2 11.78 19.89 -12.11
N GLN I 3 11.38 19.51 -13.33
CA GLN I 3 11.15 20.47 -14.40
C GLN I 3 9.98 20.07 -15.25
N LEU I 4 9.14 21.06 -15.58
CA LEU I 4 7.95 20.91 -16.43
C LEU I 4 8.09 21.98 -17.52
N GLN I 5 8.13 21.55 -18.79
CA GLN I 5 8.31 22.47 -19.88
C GLN I 5 7.17 22.44 -20.87
N GLU I 6 6.24 23.38 -20.70
CA GLU I 6 5.07 23.54 -21.57
C GLU I 6 5.52 24.12 -22.89
N SER I 7 4.88 23.69 -23.97
CA SER I 7 5.06 24.13 -25.35
C SER I 7 3.77 23.91 -26.13
N GLY I 8 3.66 24.50 -27.28
CA GLY I 8 2.47 24.26 -28.08
C GLY I 8 1.39 25.31 -28.08
N GLY I 9 1.60 26.39 -27.37
CA GLY I 9 0.66 27.50 -27.34
C GLY I 9 0.78 28.37 -28.58
N GLY I 10 0.13 29.52 -28.54
CA GLY I 10 0.20 30.44 -29.67
C GLY I 10 -1.07 31.19 -29.92
N LEU I 11 -1.13 31.85 -31.07
CA LEU I 11 -2.29 32.66 -31.47
C LEU I 11 -3.21 31.83 -32.36
N VAL I 12 -4.40 31.51 -31.86
CA VAL I 12 -5.35 30.70 -32.61
C VAL I 12 -6.63 31.45 -32.85
N GLN I 13 -7.22 31.27 -34.03
CA GLN I 13 -8.45 31.96 -34.44
C GLN I 13 -9.62 31.18 -33.82
N PRO I 14 -10.78 31.80 -33.50
CA PRO I 14 -11.86 31.03 -32.89
C PRO I 14 -12.31 29.87 -33.78
N GLY I 15 -12.48 28.71 -33.14
CA GLY I 15 -12.85 27.46 -33.79
C GLY I 15 -11.64 26.62 -34.10
N GLY I 16 -10.47 27.23 -34.07
CA GLY I 16 -9.20 26.57 -34.32
C GLY I 16 -8.78 25.56 -33.27
N SER I 17 -7.57 24.94 -33.47
CA SER I 17 -7.06 23.87 -32.62
C SER I 17 -5.65 24.06 -32.27
N LEU I 18 -5.23 23.51 -31.11
CA LEU I 18 -3.86 23.57 -30.57
C LEU I 18 -3.57 22.34 -29.77
N ARG I 19 -2.29 21.92 -29.74
CA ARG I 19 -1.85 20.79 -28.93
C ARG I 19 -0.70 21.17 -28.00
N LEU I 20 -1.04 21.39 -26.73
CA LEU I 20 -0.10 21.73 -25.69
C LEU I 20 0.57 20.41 -25.28
N SER I 21 1.87 20.48 -24.95
CA SER I 21 2.63 19.33 -24.48
C SER I 21 3.51 19.87 -23.41
N CYS I 22 3.69 19.10 -22.37
CA CYS I 22 4.55 19.47 -21.26
C CYS I 22 5.52 18.35 -21.05
N ALA I 23 6.82 18.65 -21.12
CA ALA I 23 7.87 17.66 -20.98
C ALA I 23 8.44 17.68 -19.57
N ALA I 24 8.12 16.61 -18.81
CA ALA I 24 8.52 16.44 -17.42
C ALA I 24 9.89 15.74 -17.27
N SER I 25 10.67 16.21 -16.31
CA SER I 25 11.99 15.66 -15.96
C SER I 25 12.27 15.89 -14.47
N GLY I 26 13.24 15.14 -13.95
CA GLY I 26 13.68 15.28 -12.57
C GLY I 26 12.87 14.59 -11.50
N PHE I 27 11.89 13.79 -11.91
CA PHE I 27 11.04 12.99 -11.05
C PHE I 27 10.45 11.85 -11.90
N THR I 28 10.04 10.73 -11.25
CA THR I 28 9.46 9.63 -12.00
C THR I 28 7.97 9.99 -12.29
N PHE I 29 7.75 10.52 -13.49
CA PHE I 29 6.51 11.06 -14.04
C PHE I 29 5.41 10.07 -13.94
N SER I 30 5.72 8.81 -14.35
CA SER I 30 4.77 7.72 -14.30
C SER I 30 4.10 7.55 -12.89
N SER I 31 4.69 8.08 -11.81
CA SER I 31 4.15 7.95 -10.46
C SER I 31 3.22 9.07 -10.00
N TYR I 32 2.93 10.07 -10.87
CA TYR I 32 2.15 11.21 -10.43
C TYR I 32 0.94 11.48 -11.26
N TYR I 33 -0.19 11.89 -10.60
CA TYR I 33 -1.43 12.36 -11.25
C TYR I 33 -0.95 13.64 -11.86
N MET I 34 -1.36 13.97 -13.07
CA MET I 34 -0.96 15.22 -13.70
C MET I 34 -2.20 15.97 -14.07
N SER I 35 -2.15 17.28 -14.08
CA SER I 35 -3.27 18.08 -14.53
C SER I 35 -2.83 19.34 -15.25
N TRP I 36 -3.77 20.03 -15.93
CA TRP I 36 -3.54 21.28 -16.66
C TRP I 36 -4.41 22.32 -16.00
N VAL I 37 -3.84 23.51 -15.70
CA VAL I 37 -4.58 24.64 -15.16
C VAL I 37 -4.34 25.88 -16.01
N ARG I 38 -5.35 26.70 -16.23
CA ARG I 38 -5.20 27.92 -17.01
C ARG I 38 -5.47 29.11 -16.11
N GLN I 39 -4.88 30.26 -16.41
CA GLN I 39 -5.17 31.45 -15.61
C GLN I 39 -5.26 32.63 -16.56
N ALA I 40 -6.47 33.20 -16.66
CA ALA I 40 -6.62 34.32 -17.57
C ALA I 40 -6.38 35.62 -16.84
N PRO I 41 -5.65 36.57 -17.47
CA PRO I 41 -5.39 37.86 -16.80
C PRO I 41 -6.68 38.51 -16.32
N GLY I 42 -6.71 38.90 -15.06
CA GLY I 42 -7.90 39.49 -14.47
C GLY I 42 -8.73 38.50 -13.67
N LYS I 43 -8.72 37.27 -14.12
CA LYS I 43 -9.41 36.19 -13.43
C LYS I 43 -8.38 35.41 -12.51
N GLY I 44 -8.90 34.51 -11.70
CA GLY I 44 -8.10 33.62 -10.87
C GLY I 44 -7.74 32.36 -11.63
N PRO I 45 -6.98 31.41 -11.03
CA PRO I 45 -6.59 30.20 -11.77
C PRO I 45 -7.75 29.26 -11.91
N GLU I 46 -7.88 28.63 -13.08
CA GLU I 46 -8.94 27.68 -13.40
C GLU I 46 -8.37 26.30 -13.69
N TRP I 47 -8.79 25.27 -12.94
CA TRP I 47 -8.35 23.91 -13.22
C TRP I 47 -9.08 23.51 -14.51
N VAL I 48 -8.37 22.85 -15.42
CA VAL I 48 -8.89 22.51 -16.74
C VAL I 48 -9.12 20.99 -16.96
N SER I 49 -8.11 20.19 -16.66
CA SER I 49 -8.15 18.78 -16.95
C SER I 49 -7.18 18.02 -16.05
N GLY I 50 -7.43 16.75 -15.85
CA GLY I 50 -6.60 15.89 -14.99
C GLY I 50 -6.54 14.50 -15.53
N ILE I 51 -5.42 13.79 -15.21
CA ILE I 51 -5.14 12.42 -15.67
C ILE I 51 -4.45 11.57 -14.60
N ASN I 52 -4.96 10.35 -14.32
CA ASN I 52 -4.35 9.49 -13.32
C ASN I 52 -3.07 8.88 -13.92
N THR I 53 -2.14 8.40 -13.07
CA THR I 53 -0.94 7.70 -13.58
C THR I 53 -1.46 6.50 -14.41
N GLY I 54 -0.95 6.30 -15.61
CA GLY I 54 -1.54 5.19 -16.38
C GLY I 54 -2.29 5.67 -17.60
N GLY I 55 -2.94 6.81 -17.45
CA GLY I 55 -3.59 7.48 -18.55
C GLY I 55 -4.95 6.99 -18.97
N VAL I 56 -5.61 6.20 -18.12
CA VAL I 56 -6.98 5.74 -18.43
C VAL I 56 -8.08 6.69 -17.86
N GLY I 57 -7.86 7.18 -16.64
CA GLY I 57 -8.79 8.02 -15.89
C GLY I 57 -8.60 9.52 -16.01
N THR I 58 -9.37 10.10 -16.95
CA THR I 58 -9.31 11.53 -17.22
C THR I 58 -10.55 12.28 -16.70
N ARG I 59 -10.33 13.49 -16.19
CA ARG I 59 -11.30 14.45 -15.62
C ARG I 59 -11.23 15.73 -16.43
N TYR I 60 -12.36 16.39 -16.65
CA TYR I 60 -12.36 17.66 -17.36
C TYR I 60 -13.27 18.67 -16.66
N ALA I 61 -12.89 19.93 -16.70
CA ALA I 61 -13.72 21.00 -16.17
C ALA I 61 -14.97 21.11 -17.07
N ASP I 62 -16.12 21.49 -16.51
CA ASP I 62 -17.36 21.58 -17.30
C ASP I 62 -17.23 22.45 -18.55
N SER I 63 -16.59 23.62 -18.40
CA SER I 63 -16.29 24.57 -19.49
C SER I 63 -15.44 24.07 -20.71
N VAL I 64 -14.67 22.96 -20.54
CA VAL I 64 -13.79 22.38 -21.56
C VAL I 64 -14.16 20.98 -22.01
N LYS I 65 -15.01 20.27 -21.24
CA LYS I 65 -15.44 18.89 -21.55
C LYS I 65 -16.00 18.81 -22.96
N GLY I 66 -15.46 17.90 -23.76
CA GLY I 66 -15.92 17.69 -25.13
C GLY I 66 -15.01 18.30 -26.19
N ARG I 67 -14.32 19.38 -25.85
CA ARG I 67 -13.42 20.09 -26.76
C ARG I 67 -11.96 19.76 -26.50
N PHE I 68 -11.60 19.50 -25.22
CA PHE I 68 -10.25 19.20 -24.76
C PHE I 68 -10.09 17.75 -24.42
N THR I 69 -8.87 17.24 -24.62
CA THR I 69 -8.48 15.86 -24.31
C THR I 69 -7.11 15.82 -23.67
N ILE I 70 -7.03 15.33 -22.45
CA ILE I 70 -5.75 15.17 -21.78
C ILE I 70 -5.26 13.75 -22.06
N SER I 71 -3.94 13.60 -22.29
CA SER I 71 -3.28 12.31 -22.47
C SER I 71 -1.88 12.38 -21.87
N ARG I 72 -1.25 11.21 -21.66
CA ARG I 72 0.14 11.16 -21.18
C ARG I 72 0.91 10.08 -21.87
N ASP I 73 2.22 10.29 -22.04
CA ASP I 73 3.11 9.27 -22.57
C ASP I 73 4.15 9.02 -21.49
N ASN I 74 3.95 7.99 -20.66
CA ASN I 74 4.85 7.73 -19.55
C ASN I 74 6.22 7.26 -20.04
N ALA I 75 6.29 6.78 -21.27
CA ALA I 75 7.52 6.33 -21.90
C ALA I 75 8.35 7.52 -22.34
N LYS I 76 7.69 8.62 -22.69
CA LYS I 76 8.32 9.85 -23.17
C LYS I 76 8.23 10.98 -22.10
N ASN I 77 7.70 10.68 -20.89
CA ASN I 77 7.52 11.64 -19.80
C ASN I 77 6.92 12.95 -20.29
N THR I 78 5.83 12.85 -21.05
CA THR I 78 5.13 14.02 -21.60
C THR I 78 3.67 13.97 -21.30
N LEU I 79 3.05 15.14 -21.11
CA LEU I 79 1.62 15.32 -20.82
C LEU I 79 1.12 16.18 -21.93
N TYR I 80 -0.05 15.84 -22.47
CA TYR I 80 -0.60 16.61 -23.59
C TYR I 80 -2.00 17.12 -23.32
N LEU I 81 -2.38 18.17 -24.05
CA LEU I 81 -3.74 18.75 -24.02
C LEU I 81 -4.15 19.11 -25.45
N GLN I 82 -5.15 18.38 -25.97
CA GLN I 82 -5.62 18.62 -27.30
C GLN I 82 -6.80 19.54 -27.16
N MET I 83 -6.63 20.78 -27.60
CA MET I 83 -7.64 21.80 -27.53
C MET I 83 -8.24 21.98 -28.90
N ASN I 84 -9.46 21.53 -29.09
CA ASN I 84 -10.16 21.68 -30.36
C ASN I 84 -11.29 22.67 -30.15
N SER I 85 -11.79 23.26 -31.24
CA SER I 85 -12.87 24.23 -31.24
C SER I 85 -12.72 25.24 -30.08
N LEU I 86 -11.67 26.08 -30.14
CA LEU I 86 -11.40 27.09 -29.13
C LEU I 86 -12.33 28.34 -29.24
N LYS I 87 -12.57 28.98 -28.10
CA LYS I 87 -13.40 30.18 -27.90
C LYS I 87 -12.48 31.26 -27.36
N PRO I 88 -12.83 32.53 -27.50
CA PRO I 88 -12.02 33.57 -26.86
C PRO I 88 -11.94 33.48 -25.32
N GLU I 89 -12.88 32.76 -24.71
CA GLU I 89 -12.95 32.51 -23.27
C GLU I 89 -11.81 31.57 -22.84
N ASP I 90 -11.26 30.78 -23.81
CA ASP I 90 -10.19 29.82 -23.56
C ASP I 90 -8.90 30.59 -23.52
N THR I 91 -8.97 31.91 -23.68
CA THR I 91 -7.70 32.60 -23.60
C THR I 91 -7.15 32.72 -22.21
N ALA I 92 -5.92 32.26 -22.05
CA ALA I 92 -5.17 32.23 -20.82
C ALA I 92 -3.77 31.72 -21.00
N LEU I 93 -3.08 31.60 -19.88
CA LEU I 93 -1.76 31.06 -19.81
C LEU I 93 -1.96 29.70 -19.17
N TYR I 94 -1.56 28.65 -19.91
CA TYR I 94 -1.76 27.27 -19.53
C TYR I 94 -0.55 26.64 -18.88
N TYR I 95 -0.73 26.26 -17.61
CA TYR I 95 0.26 25.61 -16.78
C TYR I 95 -0.03 24.11 -16.75
N CYS I 96 1.04 23.36 -16.74
CA CYS I 96 1.09 21.93 -16.62
C CYS I 96 1.47 21.76 -15.15
N ALA I 97 0.72 20.93 -14.38
CA ALA I 97 1.01 20.77 -12.96
C ALA I 97 1.08 19.35 -12.49
N ILE I 98 1.94 19.13 -11.51
CA ILE I 98 2.03 17.83 -10.85
C ILE I 98 0.88 17.81 -9.84
N GLY I 99 0.12 16.73 -9.85
CA GLY I 99 -1.01 16.56 -8.95
C GLY I 99 -2.29 17.10 -9.50
N GLU I 100 -3.11 17.71 -8.67
CA GLU I 100 -4.38 18.22 -9.12
C GLU I 100 -4.34 19.70 -9.26
N GLY I 101 -3.21 20.26 -9.66
CA GLY I 101 -3.10 21.70 -9.72
C GLY I 101 -3.03 22.08 -8.27
N GLY I 102 -3.74 23.11 -7.86
CA GLY I 102 -3.77 23.47 -6.46
C GLY I 102 -2.62 24.20 -5.82
N ASN I 103 -1.39 23.80 -6.07
CA ASN I 103 -0.27 24.50 -5.50
C ASN I 103 0.67 24.96 -6.56
N ARG I 104 0.68 26.26 -6.76
CA ARG I 104 1.53 26.92 -7.76
C ARG I 104 2.98 26.45 -7.79
N ASN I 105 3.47 25.86 -6.69
CA ASN I 105 4.84 25.34 -6.62
C ASN I 105 5.00 24.14 -7.55
N TYR I 106 3.87 23.46 -7.78
CA TYR I 106 3.77 22.25 -8.59
C TYR I 106 3.48 22.56 -10.09
N TRP I 107 3.27 23.86 -10.49
CA TRP I 107 3.04 24.21 -11.91
C TRP I 107 4.36 24.44 -12.61
N GLY I 108 4.34 24.56 -13.94
CA GLY I 108 5.51 24.91 -14.74
C GLY I 108 5.48 26.39 -15.14
N GLN I 109 6.41 26.86 -15.98
CA GLN I 109 6.32 28.26 -16.44
C GLN I 109 5.43 28.09 -17.67
N GLY I 110 4.18 28.52 -17.60
CA GLY I 110 3.15 28.23 -18.60
C GLY I 110 3.39 28.43 -20.09
N THR I 111 2.39 28.08 -20.91
CA THR I 111 2.42 28.36 -22.35
C THR I 111 1.23 29.25 -22.68
N GLN I 112 1.48 30.39 -23.33
CA GLN I 112 0.41 31.30 -23.67
C GLN I 112 -0.55 30.85 -24.79
N VAL I 113 -1.87 30.85 -24.52
CA VAL I 113 -2.90 30.61 -25.55
C VAL I 113 -3.79 31.81 -25.76
N THR I 114 -3.87 32.31 -27.02
CA THR I 114 -4.58 33.54 -27.36
C THR I 114 -5.55 33.38 -28.54
N VAL I 115 -6.84 33.22 -28.19
CA VAL I 115 -7.96 33.01 -29.09
C VAL I 115 -8.55 34.34 -29.43
N SER I 116 -8.38 34.76 -30.69
CA SER I 116 -8.87 36.04 -31.17
C SER I 116 -8.92 36.02 -32.69
N SER I 117 -9.71 36.98 -33.24
CA SER I 117 -9.92 37.35 -34.65
C SER I 117 -9.69 38.86 -34.93
N HIS I 118 -10.12 39.30 -36.10
CA HIS I 118 -10.06 40.67 -36.58
C HIS I 118 -11.03 41.73 -35.92
N HIS I 119 -11.96 41.29 -35.05
CA HIS I 119 -12.97 42.12 -34.35
C HIS I 119 -12.37 42.96 -33.22
N GLN J 1 -4.92 8.05 -26.46
CA GLN J 1 -3.93 6.98 -26.69
C GLN J 1 -4.52 5.58 -26.48
N VAL J 2 -5.29 5.38 -25.38
CA VAL J 2 -5.90 4.12 -25.00
C VAL J 2 -6.78 3.59 -26.14
N GLN J 3 -6.62 2.31 -26.51
CA GLN J 3 -7.38 1.68 -27.57
C GLN J 3 -7.71 0.23 -27.24
N LEU J 4 -8.97 -0.15 -27.51
CA LEU J 4 -9.48 -1.51 -27.33
C LEU J 4 -10.11 -1.93 -28.66
N GLN J 5 -9.61 -3.02 -29.28
CA GLN J 5 -10.12 -3.44 -30.58
C GLN J 5 -10.66 -4.86 -30.57
N GLU J 6 -12.01 -4.94 -30.45
CA GLU J 6 -12.74 -6.20 -30.43
C GLU J 6 -12.78 -6.80 -31.83
N SER J 7 -12.76 -8.14 -31.90
CA SER J 7 -12.81 -8.93 -33.14
C SER J 7 -13.28 -10.35 -32.79
N GLY J 8 -13.59 -11.15 -33.80
CA GLY J 8 -14.04 -12.52 -33.58
C GLY J 8 -15.54 -12.72 -33.57
N GLY J 9 -16.30 -11.66 -33.88
CA GLY J 9 -17.74 -11.73 -33.96
C GLY J 9 -18.22 -12.37 -35.25
N GLY J 10 -19.52 -12.27 -35.50
CA GLY J 10 -20.12 -12.82 -36.72
C GLY J 10 -21.47 -13.46 -36.45
N LEU J 11 -22.01 -14.11 -37.48
CA LEU J 11 -23.30 -14.80 -37.37
C LEU J 11 -23.06 -16.27 -37.16
N VAL J 12 -23.47 -16.76 -35.99
CA VAL J 12 -23.34 -18.16 -35.60
C VAL J 12 -24.77 -18.72 -35.49
N GLN J 13 -24.92 -20.05 -35.59
CA GLN J 13 -26.18 -20.75 -35.47
C GLN J 13 -26.36 -21.14 -33.99
N PRO J 14 -27.60 -21.26 -33.44
CA PRO J 14 -27.74 -21.62 -32.01
C PRO J 14 -27.07 -22.95 -31.66
N GLY J 15 -26.38 -22.98 -30.54
CA GLY J 15 -25.61 -24.14 -30.10
C GLY J 15 -24.15 -24.06 -30.51
N GLY J 16 -23.86 -23.20 -31.49
CA GLY J 16 -22.51 -22.95 -32.02
C GLY J 16 -21.57 -22.25 -31.05
N SER J 17 -20.34 -21.98 -31.50
CA SER J 17 -19.31 -21.32 -30.69
C SER J 17 -18.62 -20.16 -31.40
N LEU J 18 -18.01 -19.25 -30.63
CA LEU J 18 -17.29 -18.07 -31.12
C LEU J 18 -16.24 -17.68 -30.10
N ARG J 19 -15.10 -17.14 -30.58
CA ARG J 19 -14.04 -16.65 -29.70
C ARG J 19 -13.69 -15.19 -30.04
N LEU J 20 -14.21 -14.30 -29.20
CA LEU J 20 -14.00 -12.87 -29.29
C LEU J 20 -12.61 -12.57 -28.75
N SER J 21 -11.92 -11.59 -29.35
CA SER J 21 -10.60 -11.16 -28.91
C SER J 21 -10.60 -9.66 -28.92
N CYS J 22 -9.99 -9.06 -27.93
CA CYS J 22 -9.90 -7.62 -27.82
C CYS J 22 -8.45 -7.28 -27.63
N ALA J 23 -7.90 -6.47 -28.53
CA ALA J 23 -6.50 -6.08 -28.49
C ALA J 23 -6.31 -4.69 -27.92
N ALA J 24 -5.76 -4.65 -26.71
CA ALA J 24 -5.51 -3.43 -25.94
C ALA J 24 -4.17 -2.80 -26.21
N SER J 25 -4.15 -1.46 -26.24
CA SER J 25 -2.95 -0.63 -26.47
C SER J 25 -3.10 0.74 -25.81
N GLY J 26 -2.00 1.42 -25.61
CA GLY J 26 -2.02 2.76 -25.04
C GLY J 26 -2.07 2.88 -23.52
N PHE J 27 -1.96 1.74 -22.83
CA PHE J 27 -1.94 1.64 -21.37
C PHE J 27 -1.33 0.28 -21.03
N THR J 28 -0.73 0.13 -19.83
CA THR J 28 -0.13 -1.16 -19.49
C THR J 28 -1.30 -2.11 -19.04
N PHE J 29 -1.72 -2.95 -19.98
CA PHE J 29 -2.87 -3.87 -19.88
C PHE J 29 -2.78 -4.77 -18.66
N SER J 30 -1.60 -5.36 -18.47
CA SER J 30 -1.31 -6.25 -17.35
C SER J 30 -1.74 -5.67 -15.98
N SER J 31 -1.88 -4.31 -15.87
CA SER J 31 -2.20 -3.62 -14.63
C SER J 31 -3.63 -3.40 -14.35
N TYR J 32 -4.56 -3.86 -15.23
CA TYR J 32 -5.98 -3.55 -15.07
C TYR J 32 -6.88 -4.77 -15.01
N TYR J 33 -7.99 -4.67 -14.24
CA TYR J 33 -9.07 -5.67 -14.21
C TYR J 33 -9.69 -5.46 -15.56
N MET J 34 -10.05 -6.53 -16.25
CA MET J 34 -10.68 -6.37 -17.56
C MET J 34 -12.00 -7.09 -17.52
N SER J 35 -12.97 -6.60 -18.28
CA SER J 35 -14.27 -7.26 -18.35
C SER J 35 -14.90 -7.14 -19.75
N TRP J 36 -15.95 -7.95 -20.01
CA TRP J 36 -16.71 -7.95 -21.27
C TRP J 36 -18.15 -7.55 -20.92
N VAL J 37 -18.74 -6.66 -21.72
CA VAL J 37 -20.14 -6.23 -21.54
C VAL J 37 -20.87 -6.34 -22.89
N ARG J 38 -22.14 -6.77 -22.87
CA ARG J 38 -22.91 -6.84 -24.11
C ARG J 38 -24.08 -5.85 -24.08
N GLN J 39 -24.46 -5.33 -25.25
CA GLN J 39 -25.55 -4.37 -25.40
C GLN J 39 -26.52 -4.92 -26.46
N ALA J 40 -27.59 -5.54 -25.99
CA ALA J 40 -28.57 -6.12 -26.88
C ALA J 40 -29.46 -5.01 -27.48
N PRO J 41 -29.95 -5.14 -28.75
CA PRO J 41 -30.83 -4.09 -29.31
C PRO J 41 -32.15 -4.00 -28.54
N GLY J 42 -32.48 -2.78 -28.10
CA GLY J 42 -33.70 -2.52 -27.35
C GLY J 42 -33.53 -2.61 -25.84
N LYS J 43 -32.58 -3.45 -25.40
CA LYS J 43 -32.27 -3.64 -24.00
C LYS J 43 -31.12 -2.70 -23.60
N GLY J 44 -30.85 -2.62 -22.30
CA GLY J 44 -29.76 -1.85 -21.73
C GLY J 44 -28.47 -2.66 -21.73
N PRO J 45 -27.36 -2.08 -21.22
CA PRO J 45 -26.09 -2.83 -21.22
C PRO J 45 -26.08 -3.90 -20.13
N GLU J 46 -25.49 -5.06 -20.46
CA GLU J 46 -25.40 -6.21 -19.55
C GLU J 46 -23.95 -6.58 -19.36
N TRP J 47 -23.48 -6.62 -18.10
CA TRP J 47 -22.10 -7.04 -17.81
C TRP J 47 -22.12 -8.56 -17.99
N VAL J 48 -21.05 -9.10 -18.62
CA VAL J 48 -20.99 -10.51 -18.98
C VAL J 48 -19.92 -11.30 -18.21
N SER J 49 -18.71 -10.80 -18.18
CA SER J 49 -17.59 -11.52 -17.58
C SER J 49 -16.49 -10.58 -17.15
N GLY J 50 -15.69 -11.00 -16.18
CA GLY J 50 -14.58 -10.20 -15.65
C GLY J 50 -13.39 -11.06 -15.26
N ILE J 51 -12.15 -10.47 -15.26
CA ILE J 51 -10.87 -11.13 -14.92
C ILE J 51 -9.87 -10.18 -14.17
N ASN J 52 -9.22 -10.69 -13.10
CA ASN J 52 -8.32 -9.87 -12.31
C ASN J 52 -6.89 -9.70 -12.87
N THR J 53 -6.17 -8.72 -12.33
CA THR J 53 -4.78 -8.41 -12.69
C THR J 53 -3.88 -9.63 -12.59
N GLY J 54 -4.04 -10.34 -11.45
CA GLY J 54 -3.32 -11.55 -11.07
C GLY J 54 -3.38 -12.62 -12.12
N GLY J 55 -4.53 -12.66 -12.79
CA GLY J 55 -4.84 -13.52 -13.92
C GLY J 55 -5.54 -14.82 -13.64
N VAL J 56 -5.84 -15.13 -12.35
CA VAL J 56 -6.48 -16.37 -11.88
C VAL J 56 -7.97 -16.19 -11.57
N GLY J 57 -8.33 -15.07 -10.96
CA GLY J 57 -9.72 -14.80 -10.60
C GLY J 57 -10.64 -14.35 -11.72
N THR J 58 -11.64 -15.20 -12.05
CA THR J 58 -12.68 -14.90 -13.04
C THR J 58 -14.08 -14.77 -12.42
N ARG J 59 -14.94 -13.94 -13.03
CA ARG J 59 -16.34 -13.68 -12.63
C ARG J 59 -17.21 -13.82 -13.85
N TYR J 60 -18.40 -14.37 -13.71
CA TYR J 60 -19.31 -14.47 -14.86
C TYR J 60 -20.73 -14.11 -14.43
N ALA J 61 -21.49 -13.52 -15.37
CA ALA J 61 -22.89 -13.19 -15.15
C ALA J 61 -23.64 -14.52 -15.09
N ASP J 62 -24.71 -14.61 -14.29
CA ASP J 62 -25.49 -15.86 -14.16
C ASP J 62 -25.95 -16.40 -15.51
N SER J 63 -26.40 -15.51 -16.40
CA SER J 63 -26.88 -15.82 -17.76
C SER J 63 -25.97 -16.57 -18.74
N VAL J 64 -24.67 -16.56 -18.47
CA VAL J 64 -23.64 -17.13 -19.30
C VAL J 64 -22.56 -18.05 -18.60
N LYS J 65 -22.73 -18.20 -17.26
CA LYS J 65 -21.85 -18.98 -16.38
C LYS J 65 -21.98 -20.40 -16.88
N GLY J 66 -20.85 -21.02 -17.20
CA GLY J 66 -20.80 -22.39 -17.70
C GLY J 66 -20.62 -22.51 -19.20
N ARG J 67 -21.05 -21.49 -19.95
CA ARG J 67 -20.97 -21.46 -21.42
C ARG J 67 -19.85 -20.57 -21.89
N PHE J 68 -19.60 -19.48 -21.15
CA PHE J 68 -18.55 -18.52 -21.50
C PHE J 68 -17.41 -18.68 -20.55
N THR J 69 -16.19 -18.25 -21.01
CA THR J 69 -14.93 -18.32 -20.27
C THR J 69 -13.97 -17.23 -20.74
N ILE J 70 -13.69 -16.26 -19.84
CA ILE J 70 -12.78 -15.14 -20.07
C ILE J 70 -11.35 -15.56 -19.79
N SER J 71 -10.40 -15.02 -20.56
CA SER J 71 -8.97 -15.26 -20.40
C SER J 71 -8.23 -14.03 -20.83
N ARG J 72 -6.95 -13.93 -20.44
CA ARG J 72 -6.12 -12.80 -20.87
C ARG J 72 -4.73 -13.25 -21.22
N ASP J 73 -4.11 -12.61 -22.21
CA ASP J 73 -2.72 -12.89 -22.57
C ASP J 73 -2.01 -11.57 -22.35
N ASN J 74 -1.38 -11.41 -21.16
CA ASN J 74 -0.72 -10.17 -20.83
C ASN J 74 0.51 -9.96 -21.72
N ALA J 75 1.03 -11.05 -22.31
CA ALA J 75 2.18 -11.03 -23.19
C ALA J 75 1.80 -10.43 -24.54
N LYS J 76 0.55 -10.65 -24.95
CA LYS J 76 0.02 -10.22 -26.23
C LYS J 76 -1.00 -9.07 -26.06
N ASN J 77 -1.19 -8.55 -24.81
CA ASN J 77 -2.15 -7.48 -24.49
C ASN J 77 -3.50 -7.73 -25.13
N THR J 78 -4.02 -8.95 -24.95
CA THR J 78 -5.31 -9.37 -25.51
C THR J 78 -6.17 -10.01 -24.45
N LEU J 79 -7.45 -9.79 -24.58
CA LEU J 79 -8.48 -10.31 -23.69
C LEU J 79 -9.36 -11.15 -24.57
N TYR J 80 -9.76 -12.32 -24.09
CA TYR J 80 -10.58 -13.21 -24.88
C TYR J 80 -11.87 -13.59 -24.17
N LEU J 81 -12.85 -14.04 -24.96
CA LEU J 81 -14.13 -14.55 -24.49
C LEU J 81 -14.51 -15.76 -25.32
N GLN J 82 -14.54 -16.94 -24.70
CA GLN J 82 -14.90 -18.16 -25.38
C GLN J 82 -16.37 -18.35 -25.12
N MET J 83 -17.16 -18.20 -26.17
CA MET J 83 -18.58 -18.33 -26.09
C MET J 83 -18.96 -19.66 -26.70
N ASN J 84 -19.37 -20.62 -25.87
CA ASN J 84 -19.80 -21.94 -26.33
C ASN J 84 -21.29 -22.06 -26.12
N SER J 85 -21.95 -23.02 -26.83
CA SER J 85 -23.39 -23.28 -26.76
C SER J 85 -24.19 -21.98 -26.68
N LEU J 86 -24.20 -21.23 -27.78
CA LEU J 86 -24.83 -19.93 -27.90
C LEU J 86 -26.34 -19.99 -28.10
N LYS J 87 -27.05 -19.24 -27.26
CA LYS J 87 -28.51 -19.11 -27.27
C LYS J 87 -28.86 -17.82 -28.01
N PRO J 88 -30.06 -17.68 -28.66
CA PRO J 88 -30.38 -16.41 -29.33
C PRO J 88 -30.43 -15.14 -28.47
N GLU J 89 -30.62 -15.26 -27.18
CA GLU J 89 -30.60 -14.10 -26.26
C GLU J 89 -29.25 -13.23 -26.23
N ASP J 90 -28.20 -14.00 -26.49
CA ASP J 90 -26.83 -13.54 -26.57
C ASP J 90 -26.60 -12.69 -27.82
N THR J 91 -27.62 -12.52 -28.64
CA THR J 91 -27.47 -11.70 -29.85
C THR J 91 -27.29 -10.24 -29.43
N ALA J 92 -26.07 -9.69 -29.67
CA ALA J 92 -25.71 -8.33 -29.26
C ALA J 92 -24.32 -7.89 -29.72
N LEU J 93 -24.03 -6.61 -29.48
CA LEU J 93 -22.77 -5.95 -29.76
C LEU J 93 -21.98 -6.08 -28.48
N TYR J 94 -20.83 -6.78 -28.57
CA TYR J 94 -19.97 -7.04 -27.42
C TYR J 94 -18.86 -6.07 -27.30
N TYR J 95 -18.77 -5.45 -26.12
CA TYR J 95 -17.75 -4.49 -25.78
C TYR J 95 -16.78 -5.16 -24.79
N CYS J 96 -15.52 -4.83 -24.99
CA CYS J 96 -14.41 -5.22 -24.18
C CYS J 96 -14.17 -3.96 -23.35
N ALA J 97 -14.08 -4.07 -22.02
CA ALA J 97 -13.97 -2.90 -21.15
C ALA J 97 -12.87 -2.94 -20.13
N ILE J 98 -12.23 -1.78 -19.86
CA ILE J 98 -11.22 -1.63 -18.81
C ILE J 98 -11.98 -1.49 -17.51
N GLY J 99 -11.62 -2.31 -16.54
CA GLY J 99 -12.22 -2.25 -15.22
C GLY J 99 -13.36 -3.20 -15.08
N GLU J 100 -14.45 -2.73 -14.44
CA GLU J 100 -15.67 -3.54 -14.22
C GLU J 100 -16.70 -3.33 -15.33
N GLY J 101 -16.43 -2.37 -16.21
CA GLY J 101 -17.30 -2.00 -17.33
C GLY J 101 -18.49 -1.12 -16.95
N GLY J 102 -18.36 -0.39 -15.85
CA GLY J 102 -19.39 0.50 -15.34
C GLY J 102 -19.53 1.89 -15.92
N ASN J 103 -18.55 2.34 -16.76
CA ASN J 103 -18.64 3.62 -17.48
C ASN J 103 -18.09 3.42 -18.88
N ARG J 104 -18.97 3.77 -19.88
CA ARG J 104 -18.87 3.57 -21.33
C ARG J 104 -17.57 4.26 -21.85
N ASN J 105 -17.00 5.18 -21.07
CA ASN J 105 -15.71 5.81 -21.45
C ASN J 105 -14.54 4.79 -21.74
N TYR J 106 -14.63 3.69 -21.01
CA TYR J 106 -13.64 2.63 -21.05
C TYR J 106 -13.92 1.35 -21.87
N TRP J 107 -14.82 1.43 -22.82
CA TRP J 107 -15.18 0.33 -23.74
C TRP J 107 -14.63 0.60 -25.14
N GLY J 108 -14.42 -0.44 -25.94
CA GLY J 108 -13.97 -0.27 -27.33
C GLY J 108 -15.15 -0.14 -28.26
N GLN J 109 -14.93 -0.01 -29.58
CA GLN J 109 -16.08 0.00 -30.50
C GLN J 109 -16.37 -1.51 -30.66
N GLY J 110 -17.41 -1.99 -29.98
CA GLY J 110 -17.75 -3.41 -29.90
C GLY J 110 -17.82 -4.26 -31.17
N THR J 111 -17.76 -5.60 -31.02
CA THR J 111 -17.89 -6.54 -32.15
C THR J 111 -19.35 -7.10 -32.18
N GLN J 112 -19.94 -7.27 -33.37
CA GLN J 112 -21.30 -7.78 -33.47
C GLN J 112 -21.43 -9.31 -33.44
N VAL J 113 -22.20 -9.80 -32.45
CA VAL J 113 -22.62 -11.21 -32.36
C VAL J 113 -24.10 -11.46 -32.65
N THR J 114 -24.38 -12.24 -33.71
CA THR J 114 -25.74 -12.56 -34.15
C THR J 114 -25.96 -14.07 -34.12
N VAL J 115 -26.87 -14.52 -33.25
CA VAL J 115 -27.21 -15.93 -33.07
C VAL J 115 -28.66 -16.14 -33.48
N SER J 116 -28.81 -16.81 -34.66
CA SER J 116 -30.08 -17.13 -35.33
C SER J 116 -29.89 -18.31 -36.30
#